data_2OF5
#
_entry.id   2OF5
#
_cell.length_a   138.4
_cell.length_b   138.4
_cell.length_c   207.5
_cell.angle_alpha   90
_cell.angle_beta   90
_cell.angle_gamma   120
#
_symmetry.space_group_name_H-M   'P 65'
#
loop_
_entity.id
_entity.type
_entity.pdbx_description
1 polymer 'Death domain-containing protein CRADD'
2 polymer 'Leucine-rich repeat and death domain-containing protein'
3 water water
#
loop_
_entity_poly.entity_id
_entity_poly.type
_entity_poly.pdbx_seq_one_letter_code
_entity_poly.pdbx_strand_id
1 'polypeptide(L)'
;MTDLPAGDRLTGIPSHILNSSPSDRQINQLAQRLGPEWEPMVLSLGLSQTDIYRCKANHPHNVQSQVVEAFIRWRQRFGK
QATFQSLHNGLRAVEVDPSLLLHMLELEHHHHHH
;
A,B,C,D,E,F,G
2 'polypeptide(L)'
;MNLGDAETGFLTQSNLLSVAGRLGLDWPAVALHLGVSYREVQRIRHEFRDDLDEQIRHMLFSWAERQAGQPGAVGLLVQA
LEQSDRQDVAEEVRAVLELGRRKYQDSAAALEHHHHHH
;
H,I,J,K,L
#
# COMPACT_ATOMS: atom_id res chain seq x y z
N HIS A 16 20.45 -30.51 -14.75
CA HIS A 16 19.31 -30.90 -15.63
C HIS A 16 18.08 -30.06 -15.31
N ILE A 17 17.79 -29.91 -14.02
CA ILE A 17 16.68 -29.11 -13.51
C ILE A 17 17.24 -28.29 -12.36
N LEU A 18 18.30 -28.80 -11.74
CA LEU A 18 18.94 -28.15 -10.62
C LEU A 18 19.69 -26.90 -11.06
N ASN A 19 19.71 -26.62 -12.36
CA ASN A 19 20.39 -25.42 -12.80
C ASN A 19 19.44 -24.43 -13.45
N SER A 20 18.19 -24.46 -12.98
CA SER A 20 17.14 -23.57 -13.46
C SER A 20 16.57 -22.87 -12.23
N SER A 21 16.04 -21.67 -12.42
CA SER A 21 15.47 -20.93 -11.31
C SER A 21 14.01 -21.36 -11.15
N PRO A 22 13.49 -21.32 -9.92
CA PRO A 22 12.14 -21.70 -9.57
C PRO A 22 11.08 -20.69 -9.99
N SER A 23 9.94 -21.18 -10.48
CA SER A 23 8.86 -20.28 -10.90
C SER A 23 8.24 -19.67 -9.66
N ASP A 24 7.29 -18.76 -9.87
CA ASP A 24 6.65 -18.15 -8.72
C ASP A 24 5.77 -19.18 -8.06
N ARG A 25 5.03 -19.95 -8.86
CA ARG A 25 4.14 -20.98 -8.31
C ARG A 25 4.96 -21.90 -7.37
N GLN A 26 6.27 -21.92 -7.59
CA GLN A 26 7.13 -22.75 -6.79
C GLN A 26 7.57 -21.99 -5.56
N ILE A 27 8.27 -20.86 -5.76
CA ILE A 27 8.73 -20.07 -4.62
C ILE A 27 7.60 -19.95 -3.63
N ASN A 28 6.38 -19.94 -4.14
CA ASN A 28 5.22 -19.84 -3.26
C ASN A 28 5.27 -21.07 -2.34
N GLN A 29 5.11 -22.27 -2.91
CA GLN A 29 5.14 -23.48 -2.12
C GLN A 29 6.38 -23.59 -1.26
N LEU A 30 7.49 -23.05 -1.72
CA LEU A 30 8.69 -23.11 -0.92
C LEU A 30 8.48 -22.29 0.34
N ALA A 31 8.08 -21.04 0.18
CA ALA A 31 7.85 -20.18 1.33
C ALA A 31 6.82 -20.79 2.26
N GLN A 32 5.72 -21.30 1.72
CA GLN A 32 4.67 -21.91 2.54
C GLN A 32 5.29 -22.83 3.59
N ARG A 33 6.04 -23.82 3.12
CA ARG A 33 6.65 -24.78 4.02
C ARG A 33 7.84 -24.30 4.83
N LEU A 34 8.22 -23.04 4.70
CA LEU A 34 9.34 -22.54 5.51
C LEU A 34 8.79 -21.87 6.78
N GLY A 35 9.46 -22.10 7.91
CA GLY A 35 9.00 -21.53 9.16
C GLY A 35 9.59 -20.15 9.44
N PRO A 36 10.49 -20.03 10.44
CA PRO A 36 11.12 -18.77 10.79
C PRO A 36 12.57 -18.74 10.32
N GLU A 37 13.03 -19.89 9.86
CA GLU A 37 14.39 -20.05 9.39
C GLU A 37 14.64 -19.35 8.06
N TRP A 38 13.57 -18.94 7.40
CA TRP A 38 13.73 -18.27 6.11
C TRP A 38 14.61 -17.05 6.23
N GLU A 39 14.48 -16.34 7.33
CA GLU A 39 15.29 -15.14 7.56
C GLU A 39 16.76 -15.42 7.25
N PRO A 40 17.36 -16.43 7.92
CA PRO A 40 18.77 -16.76 7.67
C PRO A 40 19.01 -17.27 6.26
N MET A 41 18.19 -18.22 5.83
CA MET A 41 18.33 -18.79 4.51
C MET A 41 18.55 -17.78 3.40
N VAL A 42 17.86 -16.63 3.45
CA VAL A 42 18.02 -15.61 2.41
C VAL A 42 19.26 -14.73 2.62
N LEU A 43 19.68 -14.55 3.87
CA LEU A 43 20.88 -13.75 4.13
C LEU A 43 22.06 -14.55 3.60
N SER A 44 21.88 -15.87 3.63
CA SER A 44 22.87 -16.84 3.18
C SER A 44 22.77 -17.02 1.68
N LEU A 45 21.70 -16.50 1.09
CA LEU A 45 21.53 -16.62 -0.34
C LEU A 45 22.02 -15.37 -1.07
N GLY A 46 22.26 -14.29 -0.32
CA GLY A 46 22.75 -13.07 -0.95
C GLY A 46 22.10 -11.74 -0.55
N LEU A 47 20.85 -11.77 -0.13
CA LEU A 47 20.16 -10.54 0.27
C LEU A 47 20.78 -10.04 1.57
N SER A 48 20.40 -8.82 1.97
CA SER A 48 20.89 -8.20 3.20
C SER A 48 19.79 -8.12 4.23
N GLN A 49 20.14 -7.78 5.47
CA GLN A 49 19.12 -7.64 6.51
C GLN A 49 18.14 -6.60 5.98
N THR A 50 18.70 -5.60 5.30
CA THR A 50 17.91 -4.53 4.70
C THR A 50 16.82 -5.08 3.80
N ASP A 51 17.21 -5.87 2.80
CA ASP A 51 16.26 -6.45 1.88
C ASP A 51 15.08 -7.08 2.63
N ILE A 52 15.37 -7.65 3.78
CA ILE A 52 14.32 -8.27 4.54
C ILE A 52 13.36 -7.23 5.08
N TYR A 53 13.87 -6.21 5.77
CA TYR A 53 12.99 -5.18 6.32
C TYR A 53 12.09 -4.66 5.24
N ARG A 54 12.63 -4.51 4.04
CA ARG A 54 11.82 -4.03 2.94
C ARG A 54 10.69 -5.00 2.65
N CYS A 55 10.96 -6.28 2.77
CA CYS A 55 9.93 -7.30 2.50
C CYS A 55 8.90 -7.29 3.63
N LYS A 56 9.39 -7.13 4.84
CA LYS A 56 8.53 -7.07 6.01
C LYS A 56 7.75 -5.77 5.94
N ALA A 57 8.44 -4.72 5.54
CA ALA A 57 7.81 -3.43 5.41
C ALA A 57 6.66 -3.52 4.42
N ASN A 58 6.92 -4.06 3.24
CA ASN A 58 5.91 -4.15 2.19
C ASN A 58 4.72 -5.08 2.41
N HIS A 59 4.79 -5.96 3.40
CA HIS A 59 3.69 -6.88 3.72
C HIS A 59 3.70 -7.08 5.25
N PRO A 60 3.29 -6.03 5.98
CA PRO A 60 3.24 -6.01 7.45
C PRO A 60 2.37 -7.10 8.03
N HIS A 61 1.17 -7.22 7.47
CA HIS A 61 0.19 -8.20 7.91
C HIS A 61 0.16 -9.31 6.87
N ASN A 62 0.89 -10.40 7.12
CA ASN A 62 0.95 -11.57 6.20
C ASN A 62 2.39 -12.05 5.91
N VAL A 63 2.95 -12.83 6.82
CA VAL A 63 4.32 -13.34 6.67
C VAL A 63 4.58 -14.08 5.37
N GLN A 64 3.65 -14.98 5.02
CA GLN A 64 3.74 -15.77 3.80
C GLN A 64 4.39 -14.94 2.69
N SER A 65 3.71 -13.84 2.38
CA SER A 65 4.15 -12.91 1.36
C SER A 65 5.56 -12.36 1.62
N GLN A 66 5.86 -12.00 2.85
CA GLN A 66 7.18 -11.47 3.15
C GLN A 66 8.23 -12.39 2.54
N VAL A 67 8.03 -13.69 2.74
CA VAL A 67 8.94 -14.69 2.23
C VAL A 67 8.92 -14.74 0.71
N VAL A 68 7.74 -14.89 0.14
CA VAL A 68 7.62 -14.94 -1.31
C VAL A 68 8.37 -13.78 -1.94
N GLU A 69 8.18 -12.58 -1.41
CA GLU A 69 8.87 -11.43 -1.98
C GLU A 69 10.35 -11.56 -1.74
N ALA A 70 10.70 -11.94 -0.52
CA ALA A 70 12.10 -12.09 -0.17
C ALA A 70 12.83 -12.97 -1.19
N PHE A 71 12.17 -14.03 -1.65
CA PHE A 71 12.80 -14.91 -2.63
C PHE A 71 12.87 -14.34 -4.03
N ILE A 72 11.81 -13.64 -4.43
CA ILE A 72 11.78 -13.02 -5.75
C ILE A 72 12.97 -12.07 -5.84
N ARG A 73 13.12 -11.18 -4.85
CA ARG A 73 14.25 -10.25 -4.87
C ARG A 73 15.51 -11.01 -5.20
N TRP A 74 15.67 -12.13 -4.51
CA TRP A 74 16.82 -12.99 -4.69
C TRP A 74 16.97 -13.40 -6.12
N ARG A 75 15.94 -14.06 -6.66
CA ARG A 75 16.01 -14.51 -8.03
C ARG A 75 16.31 -13.39 -8.99
N GLN A 76 15.60 -12.27 -8.84
CA GLN A 76 15.82 -11.13 -9.73
C GLN A 76 17.20 -10.52 -9.60
N ARG A 77 17.71 -10.46 -8.37
CA ARG A 77 19.01 -9.88 -8.17
C ARG A 77 20.11 -10.66 -8.87
N PHE A 78 20.03 -11.99 -8.78
CA PHE A 78 21.04 -12.88 -9.35
C PHE A 78 20.66 -13.53 -10.67
N GLY A 79 19.38 -13.54 -10.96
CA GLY A 79 18.91 -14.13 -12.21
C GLY A 79 19.37 -15.55 -12.48
N LYS A 80 20.10 -15.71 -13.58
CA LYS A 80 20.61 -17.02 -14.00
C LYS A 80 21.13 -17.85 -12.85
N GLN A 81 21.96 -17.26 -11.99
CA GLN A 81 22.56 -17.96 -10.86
C GLN A 81 21.63 -18.35 -9.71
N ALA A 82 20.46 -17.72 -9.65
CA ALA A 82 19.51 -18.06 -8.61
C ALA A 82 18.91 -19.37 -9.09
N THR A 83 19.63 -20.45 -8.83
CA THR A 83 19.20 -21.77 -9.26
C THR A 83 18.86 -22.70 -8.13
N PHE A 84 18.05 -23.72 -8.43
CA PHE A 84 17.63 -24.71 -7.45
C PHE A 84 18.81 -25.25 -6.67
N GLN A 85 19.95 -25.32 -7.36
CA GLN A 85 21.19 -25.80 -6.78
C GLN A 85 21.56 -24.87 -5.63
N SER A 86 21.55 -23.57 -5.92
CA SER A 86 21.87 -22.56 -4.93
C SER A 86 20.91 -22.60 -3.73
N LEU A 87 19.64 -22.90 -3.97
CA LEU A 87 18.68 -22.98 -2.88
C LEU A 87 19.01 -24.14 -1.96
N HIS A 88 19.34 -25.28 -2.56
CA HIS A 88 19.69 -26.48 -1.81
C HIS A 88 20.72 -26.19 -0.74
N ASN A 89 21.85 -25.63 -1.14
CA ASN A 89 22.91 -25.30 -0.19
C ASN A 89 22.30 -24.41 0.88
N GLY A 90 21.44 -23.49 0.46
CA GLY A 90 20.79 -22.60 1.41
C GLY A 90 20.06 -23.46 2.42
N LEU A 91 19.20 -24.35 1.95
CA LEU A 91 18.43 -25.22 2.82
C LEU A 91 19.34 -25.92 3.83
N ARG A 92 20.41 -26.54 3.33
CA ARG A 92 21.34 -27.20 4.23
C ARG A 92 21.94 -26.17 5.17
N ALA A 93 22.67 -25.20 4.63
CA ALA A 93 23.33 -24.14 5.42
C ALA A 93 22.54 -23.59 6.61
N VAL A 94 21.23 -23.82 6.63
CA VAL A 94 20.38 -23.35 7.71
C VAL A 94 19.73 -24.56 8.38
N GLU A 95 20.50 -25.65 8.42
CA GLU A 95 20.06 -26.90 9.02
C GLU A 95 18.61 -27.27 8.70
N VAL A 96 18.33 -27.54 7.43
CA VAL A 96 17.01 -27.94 7.00
C VAL A 96 17.14 -29.11 6.04
N ASP A 97 16.15 -30.01 6.07
CA ASP A 97 16.15 -31.20 5.23
C ASP A 97 15.77 -30.87 3.78
N PRO A 98 16.76 -30.88 2.87
CA PRO A 98 16.61 -30.59 1.44
C PRO A 98 15.46 -31.33 0.77
N SER A 99 14.84 -32.25 1.51
CA SER A 99 13.71 -33.01 1.01
C SER A 99 12.66 -32.05 0.44
N LEU A 100 12.71 -30.80 0.92
CA LEU A 100 11.78 -29.77 0.48
C LEU A 100 11.74 -29.67 -1.04
N LEU A 101 12.86 -29.26 -1.62
CA LEU A 101 12.93 -29.12 -3.07
C LEU A 101 12.40 -30.38 -3.75
N LEU A 102 12.92 -31.52 -3.33
CA LEU A 102 12.53 -32.82 -3.90
C LEU A 102 11.04 -33.08 -3.66
N HIS A 103 10.46 -32.34 -2.72
CA HIS A 103 9.05 -32.48 -2.40
C HIS A 103 8.18 -31.58 -3.26
N MET A 104 8.36 -30.28 -3.13
CA MET A 104 7.58 -29.33 -3.91
C MET A 104 7.62 -29.74 -5.38
N LEU A 105 8.72 -30.38 -5.79
CA LEU A 105 8.89 -30.82 -7.16
C LEU A 105 8.17 -32.16 -7.37
N GLU A 106 6.85 -32.13 -7.30
CA GLU A 106 6.01 -33.32 -7.47
C GLU A 106 4.71 -32.99 -8.19
N HIS B 16 33.93 19.65 -2.63
CA HIS B 16 33.88 19.50 -4.08
C HIS B 16 32.46 18.98 -4.59
N ILE B 17 32.19 17.68 -4.48
CA ILE B 17 30.85 17.12 -4.87
C ILE B 17 30.10 17.13 -3.54
N LEU B 18 30.96 17.27 -2.53
CA LEU B 18 30.63 17.33 -1.14
C LEU B 18 29.66 18.47 -0.90
N ASN B 19 29.68 19.50 -1.75
CA ASN B 19 28.81 20.65 -1.57
C ASN B 19 27.73 20.82 -2.63
N SER B 20 27.40 19.73 -3.32
CA SER B 20 26.36 19.77 -4.35
C SER B 20 25.09 19.05 -3.91
N SER B 21 24.22 18.71 -4.86
CA SER B 21 22.96 18.05 -4.53
C SER B 21 22.69 16.78 -5.33
N PRO B 22 22.46 15.65 -4.63
CA PRO B 22 22.19 14.38 -5.32
C PRO B 22 21.07 14.58 -6.32
N SER B 23 21.17 13.88 -7.45
CA SER B 23 20.17 13.99 -8.50
C SER B 23 19.11 12.91 -8.44
N ASP B 24 18.06 13.07 -9.26
CA ASP B 24 16.98 12.12 -9.31
C ASP B 24 17.50 10.69 -9.36
N ARG B 25 18.55 10.46 -10.14
CA ARG B 25 19.10 9.11 -10.24
C ARG B 25 19.92 8.74 -9.01
N GLN B 26 20.75 9.67 -8.53
CA GLN B 26 21.57 9.41 -7.37
C GLN B 26 20.75 9.08 -6.13
N ILE B 27 19.63 9.77 -5.95
CA ILE B 27 18.75 9.50 -4.82
C ILE B 27 18.29 8.05 -4.95
N ASN B 28 17.64 7.76 -6.06
CA ASN B 28 17.13 6.41 -6.31
C ASN B 28 18.14 5.38 -5.89
N GLN B 29 19.41 5.68 -6.15
CA GLN B 29 20.49 4.77 -5.77
C GLN B 29 20.57 4.65 -4.26
N LEU B 30 20.80 5.78 -3.59
CA LEU B 30 20.89 5.81 -2.14
C LEU B 30 19.74 5.06 -1.48
N ALA B 31 18.54 5.29 -1.99
CA ALA B 31 17.34 4.66 -1.47
C ALA B 31 17.49 3.14 -1.47
N GLN B 32 17.85 2.57 -2.61
CA GLN B 32 18.03 1.13 -2.72
C GLN B 32 18.76 0.49 -1.54
N ARG B 33 19.91 1.05 -1.17
CA ARG B 33 20.72 0.48 -0.10
C ARG B 33 20.35 0.78 1.36
N LEU B 34 19.41 1.70 1.60
CA LEU B 34 19.02 2.02 2.97
C LEU B 34 17.90 1.14 3.47
N GLY B 35 17.90 0.86 4.77
CA GLY B 35 16.87 0.00 5.34
C GLY B 35 15.90 0.58 6.35
N PRO B 36 15.83 -0.01 7.56
CA PRO B 36 14.95 0.39 8.66
C PRO B 36 15.16 1.81 9.14
N GLU B 37 16.41 2.27 9.07
CA GLU B 37 16.77 3.61 9.52
C GLU B 37 16.57 4.72 8.51
N TRP B 38 15.95 4.41 7.38
CA TRP B 38 15.75 5.48 6.42
C TRP B 38 14.85 6.53 7.06
N GLU B 39 14.00 6.09 8.00
CA GLU B 39 13.11 6.99 8.70
C GLU B 39 13.92 7.89 9.66
N PRO B 40 14.66 7.30 10.61
CA PRO B 40 15.43 8.16 11.52
C PRO B 40 16.44 9.04 10.79
N MET B 41 16.88 8.61 9.62
CA MET B 41 17.83 9.41 8.89
C MET B 41 17.19 10.73 8.41
N VAL B 42 16.14 10.60 7.60
CA VAL B 42 15.43 11.77 7.05
C VAL B 42 14.87 12.72 8.10
N LEU B 43 14.83 12.28 9.36
CA LEU B 43 14.34 13.14 10.43
C LEU B 43 15.45 14.11 10.77
N SER B 44 16.66 13.58 10.97
CA SER B 44 17.80 14.40 11.32
C SER B 44 18.28 15.21 10.13
N LEU B 45 17.61 15.07 9.00
CA LEU B 45 17.99 15.82 7.81
C LEU B 45 17.12 17.06 7.68
N GLY B 46 15.97 17.04 8.32
CA GLY B 46 15.10 18.19 8.26
C GLY B 46 13.64 17.87 8.02
N LEU B 47 13.33 16.61 7.81
CA LEU B 47 11.94 16.25 7.58
C LEU B 47 11.26 16.03 8.92
N SER B 48 9.93 16.12 8.89
CA SER B 48 9.14 15.91 10.08
C SER B 48 8.51 14.51 9.99
N GLN B 49 7.88 14.09 11.08
CA GLN B 49 7.24 12.79 11.10
C GLN B 49 6.07 12.82 10.15
N THR B 50 5.55 14.02 9.86
CA THR B 50 4.39 14.15 8.97
C THR B 50 4.78 13.96 7.51
N ASP B 51 5.99 14.37 7.17
CA ASP B 51 6.47 14.18 5.80
C ASP B 51 6.43 12.69 5.57
N ILE B 52 7.12 11.94 6.42
CA ILE B 52 7.16 10.49 6.29
C ILE B 52 5.80 9.81 6.10
N TYR B 53 4.79 10.20 6.86
CA TYR B 53 3.50 9.54 6.69
C TYR B 53 2.97 9.79 5.30
N ARG B 54 3.37 10.90 4.70
CA ARG B 54 2.93 11.22 3.34
C ARG B 54 3.60 10.27 2.38
N CYS B 55 4.90 10.08 2.55
CA CYS B 55 5.60 9.15 1.68
C CYS B 55 4.90 7.80 1.83
N LYS B 56 4.97 7.23 3.04
CA LYS B 56 4.35 5.95 3.30
C LYS B 56 2.99 5.86 2.64
N ALA B 57 2.13 6.84 2.90
CA ALA B 57 0.79 6.81 2.34
C ALA B 57 0.72 6.92 0.83
N ASN B 58 1.56 7.78 0.25
CA ASN B 58 1.54 7.95 -1.19
C ASN B 58 2.12 6.75 -1.96
N HIS B 59 2.71 5.82 -1.23
CA HIS B 59 3.30 4.64 -1.84
C HIS B 59 3.12 3.46 -0.89
N PRO B 60 1.86 3.08 -0.62
CA PRO B 60 1.58 1.97 0.28
C PRO B 60 2.52 0.81 -0.01
N HIS B 61 2.11 -0.05 -0.93
CA HIS B 61 2.95 -1.18 -1.33
C HIS B 61 4.20 -0.56 -1.93
N ASN B 62 5.38 -1.05 -1.55
CA ASN B 62 6.65 -0.54 -2.10
C ASN B 62 7.36 0.57 -1.30
N VAL B 63 8.41 0.15 -0.59
CA VAL B 63 9.23 1.03 0.22
C VAL B 63 10.23 1.84 -0.58
N GLN B 64 10.64 1.32 -1.73
CA GLN B 64 11.61 2.01 -2.58
C GLN B 64 11.06 3.36 -2.93
N SER B 65 9.85 3.36 -3.48
CA SER B 65 9.20 4.61 -3.86
C SER B 65 9.06 5.58 -2.67
N GLN B 66 8.78 5.05 -1.48
CA GLN B 66 8.64 5.89 -0.30
C GLN B 66 9.95 6.62 0.00
N VAL B 67 11.03 5.87 0.20
CA VAL B 67 12.33 6.47 0.51
C VAL B 67 12.84 7.52 -0.46
N VAL B 68 12.38 7.46 -1.72
CA VAL B 68 12.80 8.44 -2.73
C VAL B 68 12.06 9.74 -2.48
N GLU B 69 10.73 9.65 -2.39
CA GLU B 69 9.92 10.83 -2.12
C GLU B 69 10.51 11.48 -0.89
N ALA B 70 10.83 10.67 0.10
CA ALA B 70 11.43 11.18 1.33
C ALA B 70 12.63 12.07 1.02
N PHE B 71 13.52 11.63 0.12
CA PHE B 71 14.71 12.41 -0.22
C PHE B 71 14.47 13.54 -1.20
N ILE B 72 13.47 13.38 -2.07
CA ILE B 72 13.13 14.42 -3.03
C ILE B 72 12.61 15.60 -2.21
N ARG B 73 11.80 15.30 -1.20
CA ARG B 73 11.25 16.33 -0.33
C ARG B 73 12.41 17.07 0.30
N TRP B 74 13.25 16.33 1.00
CA TRP B 74 14.37 16.93 1.67
C TRP B 74 15.26 17.78 0.75
N ARG B 75 15.35 17.45 -0.54
CA ARG B 75 16.19 18.27 -1.41
C ARG B 75 15.38 19.47 -1.89
N GLN B 76 14.09 19.28 -2.08
CA GLN B 76 13.26 20.38 -2.53
C GLN B 76 12.93 21.36 -1.39
N ARG B 77 13.19 20.95 -0.15
CA ARG B 77 12.91 21.84 0.96
C ARG B 77 14.10 22.72 1.23
N PHE B 78 15.29 22.13 1.26
CA PHE B 78 16.51 22.88 1.56
C PHE B 78 17.36 23.19 0.34
N GLY B 79 16.79 23.10 -0.86
CA GLY B 79 17.56 23.39 -2.06
C GLY B 79 19.08 23.28 -1.91
N LYS B 80 19.77 24.41 -2.09
CA LYS B 80 21.23 24.46 -1.99
C LYS B 80 21.79 23.66 -0.80
N GLN B 81 21.27 23.94 0.38
CA GLN B 81 21.73 23.28 1.61
C GLN B 81 21.49 21.77 1.70
N ALA B 82 21.07 21.15 0.60
CA ALA B 82 20.82 19.72 0.60
C ALA B 82 22.03 18.98 0.03
N THR B 83 23.21 19.24 0.56
CA THR B 83 24.43 18.62 0.06
C THR B 83 24.70 17.20 0.52
N PHE B 84 25.64 16.54 -0.17
CA PHE B 84 26.08 15.19 0.16
C PHE B 84 26.67 15.28 1.56
N GLN B 85 27.16 16.47 1.88
CA GLN B 85 27.73 16.72 3.18
C GLN B 85 26.65 16.42 4.20
N SER B 86 25.46 16.95 3.96
CA SER B 86 24.31 16.75 4.85
C SER B 86 24.01 15.28 5.03
N LEU B 87 23.96 14.56 3.90
CA LEU B 87 23.70 13.14 3.89
C LEU B 87 24.78 12.42 4.67
N HIS B 88 26.03 12.79 4.44
CA HIS B 88 27.14 12.15 5.16
C HIS B 88 26.89 12.19 6.67
N ASN B 89 26.67 13.39 7.20
CA ASN B 89 26.42 13.55 8.63
C ASN B 89 25.23 12.70 9.05
N GLY B 90 24.12 12.86 8.34
CA GLY B 90 22.93 12.09 8.64
C GLY B 90 23.26 10.63 8.86
N LEU B 91 23.72 9.96 7.81
CA LEU B 91 24.09 8.56 7.88
C LEU B 91 24.85 8.30 9.17
N ARG B 92 25.88 9.11 9.41
CA ARG B 92 26.66 8.98 10.62
C ARG B 92 25.67 9.09 11.78
N ALA B 93 25.00 10.23 11.88
CA ALA B 93 24.01 10.48 12.93
C ALA B 93 23.13 9.27 13.23
N VAL B 94 22.63 8.63 12.18
CA VAL B 94 21.76 7.49 12.36
C VAL B 94 22.52 6.15 12.43
N GLU B 95 23.76 6.21 12.92
CA GLU B 95 24.57 5.00 13.09
C GLU B 95 24.56 4.08 11.86
N VAL B 96 25.28 4.47 10.82
CA VAL B 96 25.37 3.68 9.59
C VAL B 96 26.64 4.09 8.86
N ASP B 97 27.40 3.12 8.37
CA ASP B 97 28.64 3.44 7.69
C ASP B 97 28.49 4.53 6.62
N PRO B 98 29.12 5.68 6.85
CA PRO B 98 29.09 6.83 5.93
C PRO B 98 29.67 6.55 4.55
N SER B 99 30.32 5.40 4.40
CA SER B 99 30.94 5.03 3.13
C SER B 99 29.90 4.74 2.04
N LEU B 100 28.64 4.55 2.46
CA LEU B 100 27.56 4.27 1.52
C LEU B 100 27.55 5.26 0.37
N LEU B 101 27.82 6.52 0.69
CA LEU B 101 27.86 7.57 -0.33
C LEU B 101 29.04 7.34 -1.26
N LEU B 102 30.10 6.76 -0.72
CA LEU B 102 31.28 6.48 -1.53
C LEU B 102 30.98 5.43 -2.58
N HIS B 103 30.29 4.37 -2.16
CA HIS B 103 29.91 3.25 -3.05
C HIS B 103 28.93 3.58 -4.18
N MET B 104 28.02 4.53 -3.96
CA MET B 104 27.07 4.88 -5.01
C MET B 104 27.58 6.10 -5.80
N LEU B 105 28.89 6.36 -5.68
CA LEU B 105 29.54 7.45 -6.39
C LEU B 105 30.82 6.92 -7.04
N GLU B 106 30.66 6.25 -8.18
CA GLU B 106 31.78 5.67 -8.91
C GLU B 106 31.50 5.63 -10.41
N HIS C 16 14.02 27.33 30.80
CA HIS C 16 13.97 28.25 29.62
C HIS C 16 13.71 27.61 28.26
N ILE C 17 14.45 26.59 27.86
CA ILE C 17 14.14 25.93 26.58
C ILE C 17 13.20 24.82 27.06
N LEU C 18 13.33 24.59 28.37
CA LEU C 18 12.57 23.64 29.12
C LEU C 18 11.10 23.88 28.88
N ASN C 19 10.71 25.12 28.60
CA ASN C 19 9.30 25.44 28.39
C ASN C 19 8.79 25.42 26.97
N SER C 20 9.42 24.60 26.14
CA SER C 20 9.01 24.45 24.77
C SER C 20 9.09 22.98 24.41
N SER C 21 8.20 22.55 23.52
CA SER C 21 8.16 21.16 23.10
C SER C 21 9.35 20.86 22.21
N PRO C 22 9.79 19.61 22.19
CA PRO C 22 10.93 19.21 21.37
C PRO C 22 10.47 19.00 19.95
N SER C 23 11.39 19.17 19.01
CA SER C 23 11.08 18.97 17.59
C SER C 23 11.04 17.47 17.31
N ASP C 24 10.82 17.11 16.04
CA ASP C 24 10.77 15.71 15.70
C ASP C 24 12.17 15.14 15.68
N ARG C 25 13.15 15.98 15.34
CA ARG C 25 14.53 15.50 15.32
C ARG C 25 14.92 15.21 16.75
N GLN C 26 14.60 16.14 17.64
CA GLN C 26 14.94 15.96 19.05
C GLN C 26 14.33 14.67 19.56
N ILE C 27 13.01 14.52 19.37
CA ILE C 27 12.34 13.31 19.80
C ILE C 27 13.09 12.11 19.30
N ASN C 28 13.25 12.02 17.98
CA ASN C 28 13.97 10.89 17.42
C ASN C 28 15.29 10.59 18.14
N GLN C 29 16.06 11.62 18.46
CA GLN C 29 17.33 11.40 19.16
C GLN C 29 17.11 10.77 20.50
N LEU C 30 16.03 11.15 21.15
CA LEU C 30 15.71 10.61 22.46
C LEU C 30 15.24 9.18 22.26
N ALA C 31 14.43 8.96 21.23
CA ALA C 31 13.90 7.63 20.94
C ALA C 31 15.04 6.66 20.71
N GLN C 32 16.22 7.18 20.39
CA GLN C 32 17.39 6.32 20.17
C GLN C 32 18.05 5.95 21.48
N ARG C 33 18.17 6.90 22.38
CA ARG C 33 18.82 6.60 23.64
C ARG C 33 17.89 6.03 24.71
N LEU C 34 16.73 5.53 24.29
CA LEU C 34 15.78 4.95 25.24
C LEU C 34 15.66 3.46 24.97
N GLY C 35 15.47 2.70 26.05
CA GLY C 35 15.33 1.26 25.92
C GLY C 35 13.90 0.84 26.14
N PRO C 36 13.66 -0.35 26.70
CA PRO C 36 12.28 -0.78 26.91
C PRO C 36 11.48 0.11 27.89
N GLU C 37 12.15 0.85 28.74
CA GLU C 37 11.45 1.70 29.70
C GLU C 37 10.68 2.82 29.05
N TRP C 38 10.76 2.95 27.73
CA TRP C 38 10.03 4.04 27.10
C TRP C 38 8.52 3.96 27.38
N GLU C 39 7.98 2.76 27.36
CA GLU C 39 6.55 2.57 27.63
C GLU C 39 6.19 3.13 29.00
N PRO C 40 6.82 2.64 30.08
CA PRO C 40 6.46 3.19 31.38
C PRO C 40 6.52 4.72 31.34
N MET C 41 7.60 5.22 30.74
CA MET C 41 7.82 6.66 30.62
C MET C 41 6.66 7.39 29.95
N VAL C 42 6.34 7.02 28.72
CA VAL C 42 5.26 7.71 28.06
C VAL C 42 3.95 7.55 28.83
N LEU C 43 3.86 6.53 29.69
CA LEU C 43 2.65 6.35 30.48
C LEU C 43 2.58 7.42 31.55
N SER C 44 3.62 7.49 32.36
CA SER C 44 3.66 8.48 33.40
C SER C 44 3.72 9.86 32.77
N LEU C 45 3.68 9.92 31.45
CA LEU C 45 3.69 11.21 30.77
C LEU C 45 2.30 11.65 30.39
N GLY C 46 1.38 10.69 30.31
CA GLY C 46 0.00 11.00 29.94
C GLY C 46 -0.66 10.04 28.95
N LEU C 47 0.14 9.32 28.16
CA LEU C 47 -0.43 8.37 27.21
C LEU C 47 -1.07 7.22 27.99
N SER C 48 -1.82 6.36 27.29
CA SER C 48 -2.47 5.21 27.92
C SER C 48 -2.03 3.93 27.24
N GLN C 49 -2.25 2.81 27.90
CA GLN C 49 -1.88 1.53 27.33
C GLN C 49 -2.48 1.37 25.94
N THR C 50 -3.43 2.22 25.59
CA THR C 50 -4.03 2.09 24.29
C THR C 50 -3.10 2.70 23.24
N ASP C 51 -2.76 3.95 23.45
CA ASP C 51 -1.89 4.67 22.54
C ASP C 51 -0.61 3.87 22.31
N ILE C 52 -0.18 3.16 23.34
CA ILE C 52 1.02 2.35 23.20
C ILE C 52 0.75 1.31 22.14
N TYR C 53 -0.28 0.48 22.34
CA TYR C 53 -0.60 -0.57 21.38
C TYR C 53 -0.72 -0.07 19.95
N ARG C 54 -1.43 1.04 19.74
CA ARG C 54 -1.57 1.56 18.38
C ARG C 54 -0.20 1.91 17.79
N CYS C 55 0.69 2.46 18.62
CA CYS C 55 2.03 2.80 18.15
C CYS C 55 2.70 1.51 17.71
N LYS C 56 2.56 0.48 18.53
CA LYS C 56 3.14 -0.81 18.24
C LYS C 56 2.48 -1.42 17.01
N ALA C 57 1.19 -1.20 16.87
CA ALA C 57 0.47 -1.77 15.75
C ALA C 57 0.68 -1.00 14.46
N ASN C 58 1.14 0.24 14.56
CA ASN C 58 1.38 1.01 13.35
C ASN C 58 2.77 0.77 12.77
N HIS C 59 3.65 0.16 13.56
CA HIS C 59 5.00 -0.14 13.11
C HIS C 59 5.47 -1.45 13.74
N PRO C 60 4.77 -2.55 13.42
CA PRO C 60 5.03 -3.90 13.93
C PRO C 60 6.50 -4.26 13.87
N HIS C 61 7.14 -3.92 12.77
CA HIS C 61 8.57 -4.18 12.61
C HIS C 61 9.13 -2.78 12.69
N ASN C 62 10.25 -2.61 13.41
CA ASN C 62 10.88 -1.29 13.60
C ASN C 62 10.44 -0.63 14.92
N VAL C 63 11.20 -0.86 15.99
CA VAL C 63 10.87 -0.30 17.30
C VAL C 63 11.00 1.21 17.33
N GLN C 64 12.07 1.73 16.71
CA GLN C 64 12.30 3.16 16.68
C GLN C 64 10.98 3.88 16.44
N SER C 65 10.39 3.60 15.28
CA SER C 65 9.14 4.21 14.89
C SER C 65 8.08 4.19 15.99
N GLN C 66 7.98 3.10 16.73
CA GLN C 66 6.99 3.00 17.81
C GLN C 66 7.22 4.12 18.80
N VAL C 67 8.40 4.12 19.39
CA VAL C 67 8.74 5.14 20.36
C VAL C 67 8.51 6.53 19.80
N VAL C 68 9.08 6.81 18.62
CA VAL C 68 8.90 8.13 18.04
C VAL C 68 7.44 8.52 17.90
N GLU C 69 6.57 7.57 17.57
CA GLU C 69 5.15 7.90 17.43
C GLU C 69 4.49 8.11 18.77
N ALA C 70 4.91 7.34 19.77
CA ALA C 70 4.34 7.51 21.10
C ALA C 70 4.60 8.98 21.47
N PHE C 71 5.87 9.32 21.67
CA PHE C 71 6.20 10.69 22.01
C PHE C 71 5.51 11.69 21.14
N ILE C 72 5.40 11.44 19.84
CA ILE C 72 4.69 12.39 18.99
C ILE C 72 3.30 12.53 19.56
N ARG C 73 2.58 11.42 19.65
CA ARG C 73 1.22 11.38 20.19
C ARG C 73 1.16 12.16 21.48
N TRP C 74 2.21 12.02 22.27
CA TRP C 74 2.30 12.72 23.53
C TRP C 74 2.30 14.20 23.29
N ARG C 75 3.16 14.67 22.40
CA ARG C 75 3.21 16.10 22.14
C ARG C 75 1.92 16.57 21.55
N GLN C 76 1.35 15.75 20.67
CA GLN C 76 0.12 16.14 20.03
C GLN C 76 -1.06 16.24 20.98
N ARG C 77 -1.00 15.51 22.08
CA ARG C 77 -2.12 15.54 23.00
C ARG C 77 -2.04 16.68 23.99
N PHE C 78 -0.85 16.98 24.44
CA PHE C 78 -0.68 18.03 25.42
C PHE C 78 -0.24 19.40 24.87
N GLY C 79 0.00 19.46 23.57
CA GLY C 79 0.39 20.71 22.96
C GLY C 79 1.52 21.45 23.65
N LYS C 80 1.26 22.68 24.07
CA LYS C 80 2.28 23.49 24.73
C LYS C 80 2.81 22.93 26.04
N GLN C 81 2.04 22.04 26.66
CA GLN C 81 2.44 21.43 27.93
C GLN C 81 3.41 20.26 27.81
N ALA C 82 3.61 19.76 26.61
CA ALA C 82 4.53 18.65 26.41
C ALA C 82 5.90 19.30 26.30
N THR C 83 6.45 19.71 27.43
CA THR C 83 7.73 20.41 27.43
C THR C 83 8.94 19.62 27.83
N PHE C 84 10.10 20.20 27.54
CA PHE C 84 11.35 19.57 27.91
C PHE C 84 11.38 19.38 29.42
N GLN C 85 10.50 20.08 30.13
CA GLN C 85 10.47 19.89 31.57
C GLN C 85 9.84 18.52 31.78
N SER C 86 8.71 18.28 31.11
CA SER C 86 8.03 17.01 31.24
C SER C 86 8.99 15.86 30.90
N LEU C 87 9.63 15.93 29.74
CA LEU C 87 10.55 14.89 29.34
C LEU C 87 11.51 14.64 30.48
N HIS C 88 11.96 15.71 31.11
CA HIS C 88 12.88 15.59 32.24
C HIS C 88 12.20 14.74 33.30
N ASN C 89 11.08 15.25 33.84
CA ASN C 89 10.33 14.52 34.85
C ASN C 89 10.07 13.10 34.38
N GLY C 90 9.58 12.99 33.15
CA GLY C 90 9.28 11.69 32.61
C GLY C 90 10.41 10.70 32.75
N LEU C 91 11.63 11.22 32.72
CA LEU C 91 12.81 10.38 32.83
C LEU C 91 13.02 9.89 34.23
N ARG C 92 12.91 10.77 35.19
CA ARG C 92 13.08 10.36 36.57
C ARG C 92 11.99 9.34 36.83
N ALA C 93 10.76 9.68 36.43
CA ALA C 93 9.61 8.80 36.62
C ALA C 93 10.00 7.36 36.42
N VAL C 94 10.79 7.12 35.38
CA VAL C 94 11.20 5.78 35.04
C VAL C 94 12.67 5.51 35.38
N GLU C 95 13.19 6.28 36.34
CA GLU C 95 14.56 6.12 36.82
C GLU C 95 15.63 6.09 35.75
N VAL C 96 15.81 7.21 35.05
CA VAL C 96 16.81 7.32 33.99
C VAL C 96 17.51 8.63 34.27
N ASP C 97 18.81 8.72 34.00
CA ASP C 97 19.49 9.98 34.28
C ASP C 97 19.14 11.06 33.26
N PRO C 98 18.51 12.15 33.71
CA PRO C 98 18.07 13.31 32.94
C PRO C 98 19.08 14.01 32.05
N SER C 99 20.37 13.67 32.19
CA SER C 99 21.38 14.32 31.36
C SER C 99 21.24 13.92 29.89
N LEU C 100 20.40 12.92 29.60
CA LEU C 100 20.17 12.51 28.22
C LEU C 100 19.67 13.73 27.49
N LEU C 101 18.70 14.38 28.10
CA LEU C 101 18.12 15.58 27.53
C LEU C 101 19.21 16.58 27.22
N LEU C 102 20.24 16.62 28.06
CA LEU C 102 21.34 17.54 27.81
C LEU C 102 22.11 17.14 26.57
N HIS C 103 22.66 15.92 26.59
CA HIS C 103 23.45 15.40 25.47
C HIS C 103 22.60 15.05 24.23
N MET C 104 21.44 15.69 24.10
CA MET C 104 20.56 15.50 22.94
C MET C 104 20.02 16.91 22.65
N LEU C 105 20.76 17.91 23.13
CA LEU C 105 20.45 19.32 22.96
C LEU C 105 21.68 20.13 22.56
N GLU C 106 22.87 19.58 22.84
CA GLU C 106 24.16 20.21 22.53
C GLU C 106 24.33 20.56 21.04
N HIS D 16 -33.95 3.04 25.23
CA HIS D 16 -34.38 4.42 24.87
C HIS D 16 -33.71 4.94 23.59
N ILE D 17 -32.39 4.76 23.55
CA ILE D 17 -31.53 5.17 22.44
C ILE D 17 -30.63 3.97 22.11
N LEU D 18 -30.65 2.97 22.98
CA LEU D 18 -29.85 1.76 22.80
C LEU D 18 -30.35 0.99 21.60
N ASN D 19 -31.35 1.52 20.91
CA ASN D 19 -31.91 0.83 19.76
C ASN D 19 -31.54 1.47 18.43
N SER D 20 -30.90 2.64 18.48
CA SER D 20 -30.48 3.34 17.27
C SER D 20 -29.01 3.06 16.97
N SER D 21 -28.64 3.03 15.69
CA SER D 21 -27.27 2.77 15.27
C SER D 21 -26.33 3.95 15.49
N PRO D 22 -25.05 3.67 15.76
CA PRO D 22 -24.12 4.78 15.97
C PRO D 22 -23.85 5.49 14.63
N SER D 23 -23.63 6.80 14.72
CA SER D 23 -23.37 7.63 13.53
C SER D 23 -21.94 7.50 13.08
N ASP D 24 -21.64 8.08 11.93
CA ASP D 24 -20.28 8.04 11.44
C ASP D 24 -19.38 8.60 12.52
N ARG D 25 -19.58 9.88 12.84
CA ARG D 25 -18.78 10.55 13.85
C ARG D 25 -18.68 9.77 15.14
N GLN D 26 -19.79 9.14 15.52
CA GLN D 26 -19.83 8.35 16.75
C GLN D 26 -18.93 7.13 16.67
N ILE D 27 -18.92 6.46 15.53
CA ILE D 27 -18.06 5.31 15.36
C ILE D 27 -16.62 5.80 15.49
N ASN D 28 -16.32 6.96 14.95
CA ASN D 28 -14.97 7.48 15.04
C ASN D 28 -14.52 7.63 16.49
N GLN D 29 -15.37 8.19 17.35
CA GLN D 29 -15.05 8.40 18.77
C GLN D 29 -14.89 7.08 19.53
N LEU D 30 -15.78 6.14 19.26
CA LEU D 30 -15.69 4.85 19.89
C LEU D 30 -14.33 4.27 19.54
N ALA D 31 -14.06 4.16 18.25
CA ALA D 31 -12.80 3.61 17.77
C ALA D 31 -11.59 4.18 18.51
N GLN D 32 -11.54 5.50 18.67
CA GLN D 32 -10.41 6.14 19.35
C GLN D 32 -10.12 5.55 20.72
N ARG D 33 -11.14 5.05 21.40
CA ARG D 33 -10.99 4.51 22.73
C ARG D 33 -10.78 3.00 22.84
N LEU D 34 -10.62 2.32 21.72
CA LEU D 34 -10.41 0.88 21.75
C LEU D 34 -8.94 0.56 21.48
N GLY D 35 -8.39 -0.37 22.24
CA GLY D 35 -7.02 -0.79 22.06
C GLY D 35 -7.03 -2.07 21.25
N PRO D 36 -6.32 -3.13 21.70
CA PRO D 36 -6.27 -4.40 20.99
C PRO D 36 -7.59 -5.16 20.98
N GLU D 37 -8.40 -4.98 22.02
CA GLU D 37 -9.69 -5.69 22.11
C GLU D 37 -10.67 -5.40 20.98
N TRP D 38 -10.35 -4.48 20.09
CA TRP D 38 -11.28 -4.19 19.01
C TRP D 38 -11.46 -5.44 18.16
N GLU D 39 -10.36 -6.03 17.71
CA GLU D 39 -10.43 -7.24 16.90
C GLU D 39 -11.38 -8.28 17.53
N PRO D 40 -11.11 -8.69 18.79
CA PRO D 40 -11.97 -9.68 19.46
C PRO D 40 -13.38 -9.16 19.47
N MET D 41 -13.50 -7.88 19.78
CA MET D 41 -14.80 -7.27 19.84
C MET D 41 -15.60 -7.47 18.56
N VAL D 42 -15.14 -6.88 17.45
CA VAL D 42 -15.89 -7.02 16.22
C VAL D 42 -16.24 -8.48 15.90
N LEU D 43 -15.47 -9.42 16.43
CA LEU D 43 -15.78 -10.83 16.18
C LEU D 43 -17.07 -11.18 16.88
N SER D 44 -17.13 -10.89 18.18
CA SER D 44 -18.33 -11.20 18.94
C SER D 44 -19.50 -10.33 18.49
N LEU D 45 -19.26 -9.52 17.48
CA LEU D 45 -20.28 -8.64 16.93
C LEU D 45 -20.85 -9.15 15.61
N GLY D 46 -20.05 -9.89 14.84
CA GLY D 46 -20.55 -10.41 13.59
C GLY D 46 -19.62 -10.44 12.40
N LEU D 47 -18.40 -9.97 12.55
CA LEU D 47 -17.49 -9.99 11.42
C LEU D 47 -16.62 -11.24 11.48
N SER D 48 -15.86 -11.49 10.43
CA SER D 48 -14.99 -12.67 10.39
C SER D 48 -13.53 -12.26 10.28
N GLN D 49 -12.63 -13.21 10.48
CA GLN D 49 -11.20 -12.92 10.36
C GLN D 49 -10.98 -12.24 9.03
N THR D 50 -11.73 -12.66 8.03
CA THR D 50 -11.64 -12.10 6.70
C THR D 50 -11.92 -10.60 6.70
N ASP D 51 -13.04 -10.20 7.31
CA ASP D 51 -13.39 -8.79 7.37
C ASP D 51 -12.28 -7.98 8.03
N ILE D 52 -11.81 -8.44 9.17
CA ILE D 52 -10.74 -7.74 9.85
C ILE D 52 -9.52 -7.71 8.94
N TYR D 53 -9.14 -8.84 8.36
CA TYR D 53 -7.97 -8.84 7.50
C TYR D 53 -8.14 -7.84 6.37
N ARG D 54 -9.35 -7.73 5.86
CA ARG D 54 -9.59 -6.77 4.79
C ARG D 54 -9.52 -5.33 5.30
N CYS D 55 -9.70 -5.15 6.61
CA CYS D 55 -9.61 -3.81 7.18
C CYS D 55 -8.13 -3.41 7.27
N LYS D 56 -7.35 -4.26 7.92
CA LYS D 56 -5.91 -4.03 8.07
C LYS D 56 -5.35 -3.88 6.66
N ALA D 57 -5.96 -4.58 5.72
CA ALA D 57 -5.54 -4.54 4.34
C ALA D 57 -5.65 -3.13 3.81
N ASN D 58 -6.85 -2.57 3.89
CA ASN D 58 -7.12 -1.23 3.38
C ASN D 58 -6.44 -0.06 4.09
N HIS D 59 -5.93 -0.29 5.29
CA HIS D 59 -5.28 0.80 6.00
C HIS D 59 -4.10 0.21 6.75
N PRO D 60 -3.06 -0.19 6.00
CA PRO D 60 -1.81 -0.78 6.49
C PRO D 60 -1.17 0.02 7.63
N HIS D 61 -0.83 1.26 7.31
CA HIS D 61 -0.25 2.18 8.27
C HIS D 61 -1.51 2.80 8.85
N ASN D 62 -1.52 3.15 10.12
CA ASN D 62 -2.71 3.75 10.77
C ASN D 62 -3.77 2.71 11.15
N VAL D 63 -3.94 2.47 12.45
CA VAL D 63 -4.93 1.50 12.94
C VAL D 63 -6.31 2.11 13.01
N GLN D 64 -6.37 3.30 13.59
CA GLN D 64 -7.62 4.04 13.72
C GLN D 64 -8.52 3.78 12.53
N SER D 65 -8.02 4.04 11.33
CA SER D 65 -8.78 3.86 10.12
C SER D 65 -9.23 2.41 9.94
N GLN D 66 -8.42 1.47 10.38
CA GLN D 66 -8.75 0.05 10.26
C GLN D 66 -10.00 -0.22 11.05
N VAL D 67 -9.92 0.10 12.34
CA VAL D 67 -11.00 -0.08 13.31
C VAL D 67 -12.29 0.59 12.87
N VAL D 68 -12.21 1.86 12.49
CA VAL D 68 -13.41 2.55 12.06
C VAL D 68 -14.07 1.80 10.92
N GLU D 69 -13.28 1.33 9.95
CA GLU D 69 -13.88 0.62 8.83
C GLU D 69 -14.57 -0.60 9.38
N ALA D 70 -13.84 -1.39 10.15
CA ALA D 70 -14.39 -2.60 10.74
C ALA D 70 -15.80 -2.31 11.26
N PHE D 71 -15.95 -1.17 11.93
CA PHE D 71 -17.24 -0.77 12.48
C PHE D 71 -18.24 -0.33 11.43
N ILE D 72 -17.79 0.42 10.43
CA ILE D 72 -18.71 0.84 9.38
C ILE D 72 -19.12 -0.49 8.74
N ARG D 73 -18.15 -1.39 8.62
CA ARG D 73 -18.39 -2.71 8.04
C ARG D 73 -19.55 -3.32 8.80
N TRP D 74 -19.38 -3.44 10.10
CA TRP D 74 -20.41 -4.00 10.96
C TRP D 74 -21.77 -3.32 10.77
N ARG D 75 -21.87 -2.05 11.13
CA ARG D 75 -23.12 -1.30 11.01
C ARG D 75 -23.82 -1.48 9.66
N GLN D 76 -23.05 -1.72 8.60
CA GLN D 76 -23.64 -1.92 7.26
C GLN D 76 -24.27 -3.28 7.09
N ARG D 77 -23.56 -4.32 7.52
CA ARG D 77 -24.06 -5.68 7.39
C ARG D 77 -25.27 -5.95 8.26
N PHE D 78 -25.50 -5.14 9.28
CA PHE D 78 -26.64 -5.40 10.15
C PHE D 78 -27.66 -4.28 10.25
N GLY D 79 -27.63 -3.38 9.28
CA GLY D 79 -28.57 -2.27 9.21
C GLY D 79 -29.21 -1.81 10.50
N LYS D 80 -30.52 -2.00 10.57
CA LYS D 80 -31.32 -1.59 11.74
C LYS D 80 -30.86 -2.24 13.06
N GLN D 81 -30.24 -3.42 12.97
CA GLN D 81 -29.78 -4.16 14.14
C GLN D 81 -28.45 -3.72 14.74
N ALA D 82 -27.58 -3.15 13.92
CA ALA D 82 -26.30 -2.70 14.42
C ALA D 82 -26.58 -1.49 15.31
N THR D 83 -26.89 -1.75 16.57
CA THR D 83 -27.22 -0.67 17.51
C THR D 83 -26.34 -0.62 18.75
N PHE D 84 -26.47 0.48 19.48
CA PHE D 84 -25.70 0.65 20.70
C PHE D 84 -25.88 -0.56 21.61
N GLN D 85 -27.12 -1.02 21.76
CA GLN D 85 -27.38 -2.18 22.59
C GLN D 85 -26.37 -3.25 22.21
N SER D 86 -26.34 -3.59 20.93
CA SER D 86 -25.44 -4.61 20.42
C SER D 86 -24.00 -4.25 20.76
N LEU D 87 -23.66 -2.98 20.57
CA LEU D 87 -22.32 -2.47 20.84
C LEU D 87 -21.96 -2.75 22.29
N HIS D 88 -22.91 -2.45 23.18
CA HIS D 88 -22.73 -2.65 24.60
C HIS D 88 -22.36 -4.11 24.84
N ASN D 89 -23.30 -5.00 24.54
CA ASN D 89 -23.08 -6.43 24.71
C ASN D 89 -21.71 -6.87 24.19
N GLY D 90 -21.29 -6.32 23.06
CA GLY D 90 -20.00 -6.70 22.52
C GLY D 90 -18.88 -6.22 23.43
N LEU D 91 -18.94 -4.96 23.83
CA LEU D 91 -17.93 -4.38 24.70
C LEU D 91 -17.71 -5.26 25.92
N ARG D 92 -18.79 -5.81 26.46
CA ARG D 92 -18.69 -6.67 27.63
C ARG D 92 -18.07 -8.00 27.25
N ALA D 93 -18.58 -8.60 26.18
CA ALA D 93 -18.06 -9.89 25.70
C ALA D 93 -16.54 -9.84 25.54
N VAL D 94 -15.98 -8.64 25.46
CA VAL D 94 -14.54 -8.50 25.28
C VAL D 94 -13.92 -7.92 26.56
N GLU D 95 -14.67 -7.96 27.66
CA GLU D 95 -14.21 -7.46 28.95
C GLU D 95 -13.74 -6.00 28.97
N VAL D 96 -14.68 -5.08 28.86
CA VAL D 96 -14.37 -3.66 28.89
C VAL D 96 -15.60 -2.94 29.41
N ASP D 97 -15.39 -1.92 30.24
CA ASP D 97 -16.51 -1.19 30.84
C ASP D 97 -17.39 -0.42 29.86
N PRO D 98 -18.69 -0.77 29.83
CA PRO D 98 -19.68 -0.12 28.95
C PRO D 98 -19.88 1.34 29.33
N SER D 99 -18.92 1.89 30.07
CA SER D 99 -18.96 3.28 30.48
C SER D 99 -18.64 4.13 29.26
N LEU D 100 -17.66 3.68 28.48
CA LEU D 100 -17.24 4.37 27.26
C LEU D 100 -18.48 4.91 26.59
N LEU D 101 -19.38 4.00 26.23
CA LEU D 101 -20.62 4.36 25.58
C LEU D 101 -21.30 5.57 26.22
N LEU D 102 -21.72 5.43 27.47
CA LEU D 102 -22.40 6.50 28.20
C LEU D 102 -21.60 7.82 28.19
N HIS D 103 -20.35 7.76 28.61
CA HIS D 103 -19.50 8.95 28.65
C HIS D 103 -19.33 9.58 27.26
N MET D 104 -18.99 8.76 26.27
CA MET D 104 -18.79 9.26 24.91
C MET D 104 -20.10 9.81 24.38
N LEU D 105 -21.14 9.76 25.21
CA LEU D 105 -22.45 10.28 24.85
C LEU D 105 -22.81 11.44 25.77
N GLU D 106 -21.94 12.45 25.79
CA GLU D 106 -22.12 13.67 26.59
C GLU D 106 -21.27 14.79 26.01
N HIS E 16 -19.82 -31.71 -14.91
CA HIS E 16 -19.78 -30.94 -16.19
C HIS E 16 -19.51 -29.46 -15.89
N ILE E 17 -20.17 -28.95 -14.86
CA ILE E 17 -20.04 -27.56 -14.44
C ILE E 17 -18.61 -27.34 -13.90
N LEU E 18 -17.90 -28.44 -13.64
CA LEU E 18 -16.53 -28.39 -13.14
C LEU E 18 -15.56 -27.95 -14.22
N ASN E 19 -15.77 -28.46 -15.44
CA ASN E 19 -14.91 -28.14 -16.58
C ASN E 19 -15.47 -26.91 -17.26
N SER E 20 -16.08 -26.07 -16.44
CA SER E 20 -16.71 -24.82 -16.86
C SER E 20 -15.96 -23.62 -16.25
N SER E 21 -16.09 -22.45 -16.86
CA SER E 21 -15.45 -21.24 -16.35
C SER E 21 -16.44 -20.38 -15.54
N PRO E 22 -16.00 -19.87 -14.39
CA PRO E 22 -16.87 -19.04 -13.55
C PRO E 22 -17.26 -17.74 -14.24
N SER E 23 -18.43 -17.19 -13.89
CA SER E 23 -18.95 -15.96 -14.50
C SER E 23 -18.52 -14.69 -13.77
N ASP E 24 -18.75 -13.53 -14.38
CA ASP E 24 -18.40 -12.26 -13.74
C ASP E 24 -19.03 -12.27 -12.34
N ARG E 25 -20.30 -12.64 -12.28
CA ARG E 25 -21.00 -12.71 -11.00
C ARG E 25 -20.28 -13.64 -10.00
N GLN E 26 -20.08 -14.89 -10.40
CA GLN E 26 -19.44 -15.90 -9.55
C GLN E 26 -17.99 -15.59 -9.07
N ILE E 27 -17.18 -14.94 -9.91
CA ILE E 27 -15.83 -14.59 -9.49
C ILE E 27 -16.06 -13.59 -8.37
N ASN E 28 -16.96 -12.64 -8.62
CA ASN E 28 -17.27 -11.62 -7.65
C ASN E 28 -17.63 -12.20 -6.29
N GLN E 29 -18.49 -13.21 -6.29
CA GLN E 29 -18.94 -13.87 -5.06
C GLN E 29 -17.82 -14.60 -4.36
N LEU E 30 -17.10 -15.41 -5.12
CA LEU E 30 -15.99 -16.18 -4.59
C LEU E 30 -14.96 -15.27 -3.94
N ALA E 31 -14.62 -14.18 -4.63
CA ALA E 31 -13.63 -13.22 -4.12
C ALA E 31 -13.97 -12.81 -2.70
N GLN E 32 -15.24 -12.51 -2.47
CA GLN E 32 -15.68 -12.09 -1.14
C GLN E 32 -15.19 -13.01 -0.04
N ARG E 33 -15.50 -14.30 -0.18
CA ARG E 33 -15.13 -15.30 0.81
C ARG E 33 -13.63 -15.38 1.14
N LEU E 34 -12.79 -15.14 0.14
CA LEU E 34 -11.33 -15.24 0.31
C LEU E 34 -10.67 -14.24 1.26
N GLY E 35 -9.75 -14.75 2.05
CA GLY E 35 -9.03 -13.92 3.00
C GLY E 35 -7.66 -13.54 2.48
N PRO E 36 -6.62 -13.57 3.32
CA PRO E 36 -5.28 -13.20 2.89
C PRO E 36 -4.57 -14.28 2.10
N GLU E 37 -5.26 -15.40 1.90
CA GLU E 37 -4.67 -16.50 1.16
C GLU E 37 -5.02 -16.44 -0.32
N TRP E 38 -5.57 -15.31 -0.75
CA TRP E 38 -5.90 -15.20 -2.16
C TRP E 38 -4.60 -15.09 -2.94
N GLU E 39 -3.66 -14.29 -2.45
CA GLU E 39 -2.41 -14.16 -3.15
C GLU E 39 -1.87 -15.56 -3.49
N PRO E 40 -1.74 -16.45 -2.48
CA PRO E 40 -1.25 -17.81 -2.72
C PRO E 40 -2.15 -18.62 -3.64
N MET E 41 -3.45 -18.40 -3.56
CA MET E 41 -4.35 -19.14 -4.41
C MET E 41 -4.16 -18.76 -5.89
N VAL E 42 -4.06 -17.46 -6.17
CA VAL E 42 -3.87 -17.02 -7.55
C VAL E 42 -2.47 -17.38 -8.03
N LEU E 43 -1.52 -17.54 -7.12
CA LEU E 43 -0.16 -17.89 -7.49
C LEU E 43 -0.12 -19.32 -8.00
N SER E 44 -0.83 -20.21 -7.31
CA SER E 44 -0.85 -21.60 -7.70
C SER E 44 -1.90 -21.82 -8.78
N LEU E 45 -2.54 -20.76 -9.22
CA LEU E 45 -3.54 -20.89 -10.27
C LEU E 45 -2.99 -20.42 -11.61
N GLY E 46 -1.79 -19.84 -11.60
CA GLY E 46 -1.17 -19.37 -12.83
C GLY E 46 -0.63 -17.94 -12.84
N LEU E 47 -1.25 -17.04 -12.08
CA LEU E 47 -0.79 -15.65 -12.04
C LEU E 47 0.60 -15.60 -11.42
N SER E 48 1.30 -14.50 -11.64
CA SER E 48 2.65 -14.37 -11.11
C SER E 48 2.74 -13.19 -10.16
N GLN E 49 3.78 -13.19 -9.34
CA GLN E 49 4.00 -12.10 -8.39
C GLN E 49 3.89 -10.78 -9.12
N THR E 50 4.26 -10.77 -10.40
CA THR E 50 4.22 -9.56 -11.20
C THR E 50 2.80 -9.15 -11.52
N ASP E 51 1.91 -10.14 -11.59
CA ASP E 51 0.51 -9.87 -11.87
C ASP E 51 -0.23 -9.40 -10.63
N ILE E 52 0.03 -10.06 -9.50
CA ILE E 52 -0.62 -9.68 -8.25
C ILE E 52 -0.37 -8.23 -7.89
N TYR E 53 0.84 -7.74 -8.16
CA TYR E 53 1.14 -6.36 -7.83
C TYR E 53 0.27 -5.45 -8.66
N ARG E 54 0.10 -5.80 -9.92
CA ARG E 54 -0.74 -4.99 -10.79
C ARG E 54 -2.13 -4.88 -10.16
N CYS E 55 -2.54 -5.90 -9.42
CA CYS E 55 -3.85 -5.88 -8.76
C CYS E 55 -3.90 -4.99 -7.53
N LYS E 56 -2.92 -5.11 -6.63
CA LYS E 56 -2.89 -4.29 -5.43
C LYS E 56 -2.75 -2.82 -5.82
N ALA E 57 -1.99 -2.56 -6.87
CA ALA E 57 -1.76 -1.19 -7.31
C ALA E 57 -3.03 -0.58 -7.85
N ASN E 58 -3.65 -1.25 -8.82
CA ASN E 58 -4.86 -0.74 -9.44
C ASN E 58 -5.99 -0.41 -8.48
N HIS E 59 -6.12 -1.17 -7.39
CA HIS E 59 -7.16 -0.94 -6.37
C HIS E 59 -6.40 -0.96 -5.05
N PRO E 60 -5.71 0.15 -4.74
CA PRO E 60 -4.89 0.38 -3.55
C PRO E 60 -5.49 0.04 -2.20
N HIS E 61 -6.70 0.54 -1.96
CA HIS E 61 -7.37 0.31 -0.70
C HIS E 61 -8.78 -0.26 -0.90
N ASN E 62 -8.83 -1.45 -1.46
CA ASN E 62 -10.07 -2.17 -1.71
C ASN E 62 -9.72 -3.58 -2.13
N VAL E 63 -9.32 -4.37 -1.14
CA VAL E 63 -8.94 -5.75 -1.39
C VAL E 63 -9.96 -6.50 -2.20
N GLN E 64 -11.23 -6.23 -1.97
CA GLN E 64 -12.28 -6.91 -2.70
C GLN E 64 -12.10 -6.80 -4.20
N SER E 65 -11.90 -5.59 -4.71
CA SER E 65 -11.75 -5.47 -6.15
C SER E 65 -10.40 -5.99 -6.62
N GLN E 66 -9.41 -6.03 -5.71
CA GLN E 66 -8.11 -6.59 -6.07
C GLN E 66 -8.35 -8.06 -6.40
N VAL E 67 -8.78 -8.83 -5.40
CA VAL E 67 -9.09 -10.24 -5.57
C VAL E 67 -9.96 -10.46 -6.78
N VAL E 68 -10.81 -9.50 -7.10
CA VAL E 68 -11.70 -9.65 -8.25
C VAL E 68 -10.95 -9.51 -9.55
N GLU E 69 -10.08 -8.52 -9.66
CA GLU E 69 -9.36 -8.39 -10.90
C GLU E 69 -8.49 -9.62 -11.08
N ALA E 70 -7.84 -10.06 -10.00
CA ALA E 70 -6.96 -11.23 -10.05
C ALA E 70 -7.60 -12.45 -10.71
N PHE E 71 -8.86 -12.73 -10.39
CA PHE E 71 -9.51 -13.89 -11.00
C PHE E 71 -9.97 -13.64 -12.41
N ILE E 72 -10.10 -12.37 -12.77
CA ILE E 72 -10.48 -12.03 -14.13
C ILE E 72 -9.21 -12.26 -14.92
N ARG E 73 -8.09 -11.70 -14.44
CA ARG E 73 -6.78 -11.86 -15.06
C ARG E 73 -6.60 -13.35 -15.39
N TRP E 74 -6.78 -14.16 -14.35
CA TRP E 74 -6.68 -15.61 -14.43
C TRP E 74 -7.61 -16.18 -15.50
N ARG E 75 -8.92 -16.07 -15.30
CA ARG E 75 -9.88 -16.60 -16.25
C ARG E 75 -9.58 -16.18 -17.67
N GLN E 76 -8.87 -15.08 -17.81
CA GLN E 76 -8.53 -14.59 -19.13
C GLN E 76 -7.27 -15.24 -19.59
N ARG E 77 -6.22 -15.17 -18.78
CA ARG E 77 -4.97 -15.77 -19.21
C ARG E 77 -5.14 -17.21 -19.72
N PHE E 78 -5.85 -18.04 -18.95
CA PHE E 78 -6.03 -19.44 -19.31
C PHE E 78 -7.30 -19.85 -20.05
N GLY E 79 -8.19 -18.91 -20.31
CA GLY E 79 -9.41 -19.24 -21.03
C GLY E 79 -10.16 -20.47 -20.55
N LYS E 80 -10.48 -21.39 -21.47
CA LYS E 80 -11.21 -22.62 -21.16
C LYS E 80 -10.49 -23.48 -20.12
N GLN E 81 -9.18 -23.35 -20.06
CA GLN E 81 -8.38 -24.11 -19.11
C GLN E 81 -8.70 -23.70 -17.66
N ALA E 82 -9.26 -22.51 -17.49
CA ALA E 82 -9.61 -22.02 -16.16
C ALA E 82 -11.03 -22.45 -15.81
N THR E 83 -11.15 -23.67 -15.28
CA THR E 83 -12.43 -24.25 -14.90
C THR E 83 -12.66 -24.30 -13.40
N PHE E 84 -13.92 -24.43 -13.00
CA PHE E 84 -14.28 -24.49 -11.59
C PHE E 84 -13.45 -25.60 -10.94
N GLN E 85 -13.13 -26.62 -11.73
CA GLN E 85 -12.33 -27.72 -11.23
C GLN E 85 -10.94 -27.23 -10.80
N SER E 86 -10.21 -26.64 -11.74
CA SER E 86 -8.88 -26.11 -11.43
C SER E 86 -8.99 -25.06 -10.34
N LEU E 87 -10.18 -24.49 -10.22
CA LEU E 87 -10.41 -23.48 -9.20
C LEU E 87 -10.48 -24.21 -7.87
N HIS E 88 -11.02 -25.43 -7.91
CA HIS E 88 -11.15 -26.26 -6.73
C HIS E 88 -9.79 -26.66 -6.17
N ASN E 89 -8.90 -27.09 -7.06
CA ASN E 89 -7.56 -27.51 -6.65
C ASN E 89 -6.82 -26.35 -6.00
N GLY E 90 -6.95 -25.17 -6.60
CA GLY E 90 -6.29 -24.02 -6.04
C GLY E 90 -6.65 -23.85 -4.58
N LEU E 91 -7.93 -24.03 -4.25
CA LEU E 91 -8.38 -23.89 -2.87
C LEU E 91 -7.69 -24.82 -1.88
N ARG E 92 -7.55 -26.09 -2.23
CA ARG E 92 -6.89 -27.02 -1.34
C ARG E 92 -5.40 -26.68 -1.23
N ALA E 93 -4.74 -26.57 -2.38
CA ALA E 93 -3.31 -26.25 -2.42
C ALA E 93 -2.87 -25.12 -1.50
N VAL E 94 -3.82 -24.31 -1.07
CA VAL E 94 -3.51 -23.18 -0.19
C VAL E 94 -4.09 -23.39 1.21
N GLU E 95 -4.49 -24.62 1.49
CA GLU E 95 -5.06 -25.00 2.79
C GLU E 95 -6.40 -24.35 3.06
N VAL E 96 -7.40 -24.69 2.25
CA VAL E 96 -8.74 -24.13 2.44
C VAL E 96 -9.77 -25.21 2.12
N ASP E 97 -10.97 -25.06 2.66
CA ASP E 97 -12.02 -26.03 2.41
C ASP E 97 -12.73 -25.71 1.08
N PRO E 98 -12.46 -26.52 0.05
CA PRO E 98 -13.04 -26.36 -1.29
C PRO E 98 -14.56 -26.44 -1.34
N SER E 99 -15.20 -26.45 -0.18
CA SER E 99 -16.64 -26.52 -0.14
C SER E 99 -17.22 -25.13 -0.43
N LEU E 100 -16.35 -24.11 -0.38
CA LEU E 100 -16.75 -22.73 -0.67
C LEU E 100 -17.52 -22.74 -1.97
N LEU E 101 -16.97 -23.46 -2.94
CA LEU E 101 -17.52 -23.59 -4.28
C LEU E 101 -18.97 -24.04 -4.31
N LEU E 102 -19.35 -24.88 -3.35
CA LEU E 102 -20.73 -25.37 -3.29
C LEU E 102 -21.66 -24.45 -2.48
N HIS E 103 -21.14 -23.91 -1.37
CA HIS E 103 -21.93 -23.00 -0.54
C HIS E 103 -22.14 -21.64 -1.21
N MET E 104 -21.53 -21.47 -2.38
CA MET E 104 -21.66 -20.25 -3.15
C MET E 104 -22.39 -20.58 -4.46
N LEU E 105 -22.72 -21.85 -4.62
CA LEU E 105 -23.46 -22.32 -5.79
C LEU E 105 -24.74 -23.03 -5.36
N GLU E 106 -25.63 -22.23 -4.77
CA GLU E 106 -26.93 -22.69 -4.30
C GLU E 106 -27.97 -21.66 -4.76
N HIS F 16 -25.97 -33.54 16.27
CA HIS F 16 -25.00 -32.96 15.29
C HIS F 16 -24.21 -31.78 15.87
N ILE F 17 -24.05 -31.77 17.19
CA ILE F 17 -23.33 -30.71 17.91
C ILE F 17 -21.81 -30.91 17.91
N LEU F 18 -21.36 -32.13 18.20
CA LEU F 18 -19.94 -32.45 18.25
C LEU F 18 -19.36 -32.87 16.89
N ASN F 19 -20.12 -32.65 15.82
CA ASN F 19 -19.66 -33.01 14.47
C ASN F 19 -19.57 -31.82 13.52
N SER F 20 -19.89 -30.63 14.04
CA SER F 20 -19.85 -29.40 13.27
C SER F 20 -18.78 -28.46 13.82
N SER F 21 -18.08 -27.76 12.93
CA SER F 21 -17.02 -26.83 13.34
C SER F 21 -17.58 -25.50 13.85
N PRO F 22 -16.86 -24.84 14.77
CA PRO F 22 -17.28 -23.55 15.34
C PRO F 22 -17.13 -22.38 14.35
N SER F 23 -17.67 -21.23 14.72
CA SER F 23 -17.60 -20.02 13.88
C SER F 23 -16.50 -19.07 14.37
N ASP F 24 -16.30 -17.98 13.64
CA ASP F 24 -15.28 -17.00 14.00
C ASP F 24 -15.56 -16.28 15.32
N ARG F 25 -16.77 -16.43 15.85
CA ARG F 25 -17.14 -15.80 17.11
C ARG F 25 -16.72 -16.69 18.27
N GLN F 26 -16.96 -17.98 18.09
CA GLN F 26 -16.64 -18.99 19.09
C GLN F 26 -15.14 -19.13 19.33
N ILE F 27 -14.37 -19.25 18.26
CA ILE F 27 -12.92 -19.35 18.35
C ILE F 27 -12.38 -18.11 19.05
N ASN F 28 -13.11 -17.00 18.90
CA ASN F 28 -12.75 -15.73 19.51
C ASN F 28 -12.97 -15.77 21.02
N GLN F 29 -13.49 -16.90 21.50
CA GLN F 29 -13.74 -17.10 22.91
C GLN F 29 -12.77 -18.14 23.48
N LEU F 30 -12.64 -19.26 22.77
CA LEU F 30 -11.75 -20.33 23.20
C LEU F 30 -10.31 -19.84 23.18
N ALA F 31 -10.14 -18.57 22.79
CA ALA F 31 -8.82 -17.95 22.73
C ALA F 31 -8.68 -16.88 23.81
N GLN F 32 -9.81 -16.34 24.26
CA GLN F 32 -9.80 -15.30 25.29
C GLN F 32 -9.41 -15.89 26.64
N ARG F 33 -10.04 -17.01 27.00
CA ARG F 33 -9.76 -17.68 28.26
C ARG F 33 -8.86 -18.91 28.07
N LEU F 34 -7.56 -18.68 27.97
CA LEU F 34 -6.58 -19.76 27.81
C LEU F 34 -5.21 -19.22 28.21
N GLY F 35 -4.31 -20.12 28.62
CA GLY F 35 -2.97 -19.71 29.02
C GLY F 35 -1.92 -19.99 27.96
N PRO F 36 -0.63 -19.99 28.33
CA PRO F 36 0.46 -20.25 27.38
C PRO F 36 0.52 -21.69 26.87
N GLU F 37 -0.44 -22.51 27.30
CA GLU F 37 -0.51 -23.91 26.89
C GLU F 37 -1.41 -24.21 25.68
N TRP F 38 -1.84 -23.16 24.98
CA TRP F 38 -2.68 -23.34 23.81
C TRP F 38 -1.88 -23.94 22.65
N GLU F 39 -0.62 -23.53 22.54
CA GLU F 39 0.25 -24.02 21.48
C GLU F 39 0.36 -25.55 21.49
N PRO F 40 0.58 -26.15 22.67
CA PRO F 40 0.68 -27.62 22.68
C PRO F 40 -0.66 -28.20 22.23
N MET F 41 -1.72 -27.43 22.50
CA MET F 41 -3.08 -27.82 22.18
C MET F 41 -3.45 -27.65 20.71
N VAL F 42 -2.81 -26.68 20.03
CA VAL F 42 -3.08 -26.44 18.62
C VAL F 42 -2.22 -27.32 17.70
N LEU F 43 -1.22 -27.97 18.27
CA LEU F 43 -0.34 -28.85 17.51
C LEU F 43 -0.97 -30.23 17.56
N SER F 44 -1.79 -30.45 18.59
CA SER F 44 -2.49 -31.71 18.80
C SER F 44 -3.66 -31.83 17.85
N LEU F 45 -3.74 -30.93 16.88
CA LEU F 45 -4.84 -30.95 15.91
C LEU F 45 -4.38 -31.06 14.46
N GLY F 46 -3.13 -30.68 14.18
CA GLY F 46 -2.64 -30.77 12.82
C GLY F 46 -1.74 -29.62 12.38
N LEU F 47 -1.31 -28.80 13.34
CA LEU F 47 -0.44 -27.68 13.05
C LEU F 47 0.99 -27.99 13.48
N SER F 48 1.95 -27.69 12.60
CA SER F 48 3.35 -27.95 12.86
C SER F 48 4.01 -26.75 13.55
N GLN F 49 5.25 -26.46 13.16
CA GLN F 49 5.98 -25.33 13.71
C GLN F 49 5.97 -24.24 12.65
N THR F 50 5.39 -24.56 11.49
CA THR F 50 5.28 -23.63 10.37
C THR F 50 4.01 -22.79 10.54
N ASP F 51 3.00 -23.37 11.18
CA ASP F 51 1.75 -22.67 11.42
C ASP F 51 1.81 -21.96 12.77
N ILE F 52 2.78 -22.36 13.59
CA ILE F 52 2.97 -21.75 14.90
C ILE F 52 3.77 -20.46 14.76
N TYR F 53 4.90 -20.53 14.05
CA TYR F 53 5.73 -19.35 13.84
C TYR F 53 5.10 -18.44 12.80
N ARG F 54 3.82 -18.66 12.54
CA ARG F 54 3.06 -17.86 11.58
C ARG F 54 1.91 -17.10 12.24
N CYS F 55 1.09 -17.80 13.01
CA CYS F 55 -0.02 -17.14 13.70
C CYS F 55 0.61 -16.21 14.72
N LYS F 56 1.86 -16.54 15.07
CA LYS F 56 2.64 -15.76 16.03
C LYS F 56 3.32 -14.60 15.31
N ALA F 57 3.57 -14.78 14.02
CA ALA F 57 4.23 -13.77 13.21
C ALA F 57 3.29 -12.73 12.63
N ASN F 58 2.08 -13.15 12.25
CA ASN F 58 1.10 -12.24 11.67
C ASN F 58 0.38 -11.39 12.70
N HIS F 59 0.78 -11.50 13.96
CA HIS F 59 0.18 -10.72 15.06
C HIS F 59 1.17 -10.66 16.24
N PRO F 60 2.29 -9.92 16.09
CA PRO F 60 3.30 -9.79 17.15
C PRO F 60 2.78 -9.25 18.50
N HIS F 61 1.94 -8.22 18.42
CA HIS F 61 1.34 -7.59 19.60
C HIS F 61 -0.18 -7.75 19.47
N ASN F 62 -0.80 -8.36 20.48
CA ASN F 62 -2.25 -8.67 20.54
C ASN F 62 -2.34 -10.19 20.35
N VAL F 63 -1.77 -10.92 21.32
CA VAL F 63 -1.75 -12.38 21.31
C VAL F 63 -3.14 -13.00 21.09
N GLN F 64 -4.16 -12.17 21.29
CA GLN F 64 -5.55 -12.59 21.11
C GLN F 64 -5.75 -13.19 19.72
N SER F 65 -5.47 -12.42 18.68
CA SER F 65 -5.65 -12.90 17.30
C SER F 65 -4.63 -13.97 16.90
N GLN F 66 -3.58 -14.15 17.71
CA GLN F 66 -2.57 -15.18 17.45
C GLN F 66 -3.21 -16.54 17.66
N VAL F 67 -3.92 -16.65 18.77
CA VAL F 67 -4.62 -17.87 19.14
C VAL F 67 -5.80 -18.12 18.20
N VAL F 68 -6.53 -17.05 17.87
CA VAL F 68 -7.68 -17.15 16.99
C VAL F 68 -7.33 -17.62 15.59
N GLU F 69 -6.13 -17.28 15.11
CA GLU F 69 -5.71 -17.70 13.77
C GLU F 69 -5.24 -19.15 13.78
N ALA F 70 -4.73 -19.60 14.93
CA ALA F 70 -4.28 -20.98 15.06
C ALA F 70 -5.43 -21.89 14.70
N PHE F 71 -6.63 -21.47 15.10
CA PHE F 71 -7.84 -22.23 14.84
C PHE F 71 -8.37 -22.02 13.42
N ILE F 72 -8.24 -20.82 12.89
CA ILE F 72 -8.70 -20.56 11.52
C ILE F 72 -7.78 -21.35 10.58
N ARG F 73 -6.57 -21.63 11.05
CA ARG F 73 -5.59 -22.41 10.29
C ARG F 73 -5.97 -23.88 10.45
N TRP F 74 -6.76 -24.13 11.49
CA TRP F 74 -7.23 -25.46 11.84
C TRP F 74 -8.52 -25.85 11.12
N ARG F 75 -9.44 -24.91 11.00
CA ARG F 75 -10.73 -25.18 10.37
C ARG F 75 -10.69 -25.06 8.85
N GLN F 76 -9.60 -24.56 8.30
CA GLN F 76 -9.47 -24.42 6.86
C GLN F 76 -8.76 -25.63 6.26
N ARG F 77 -7.97 -26.31 7.09
CA ARG F 77 -7.23 -27.48 6.63
C ARG F 77 -8.02 -28.77 6.86
N PHE F 78 -9.05 -28.69 7.69
CA PHE F 78 -9.86 -29.86 8.01
C PHE F 78 -11.29 -29.80 7.47
N GLY F 79 -11.88 -28.61 7.47
CA GLY F 79 -13.23 -28.45 6.97
C GLY F 79 -14.29 -29.26 7.69
N LYS F 80 -14.93 -30.18 6.95
CA LYS F 80 -15.98 -31.04 7.49
C LYS F 80 -15.52 -31.92 8.65
N GLN F 81 -14.25 -32.32 8.63
CA GLN F 81 -13.69 -33.17 9.67
C GLN F 81 -13.11 -32.39 10.84
N ALA F 82 -13.26 -31.07 10.80
CA ALA F 82 -12.79 -30.19 11.87
C ALA F 82 -13.96 -29.90 12.80
N THR F 83 -14.52 -30.97 13.36
CA THR F 83 -15.67 -30.90 14.25
C THR F 83 -15.40 -30.23 15.60
N PHE F 84 -16.47 -30.00 16.37
CA PHE F 84 -16.36 -29.38 17.69
C PHE F 84 -15.91 -30.45 18.70
N GLN F 85 -15.70 -31.65 18.17
CA GLN F 85 -15.23 -32.78 18.96
C GLN F 85 -13.70 -32.74 18.93
N SER F 86 -13.17 -32.22 17.82
CA SER F 86 -11.73 -32.10 17.63
C SER F 86 -11.13 -31.07 18.59
N LEU F 87 -11.89 -30.01 18.88
CA LEU F 87 -11.43 -28.96 19.80
C LEU F 87 -11.53 -29.45 21.23
N HIS F 88 -12.02 -30.68 21.38
CA HIS F 88 -12.17 -31.31 22.68
C HIS F 88 -11.10 -32.40 22.79
N ASN F 89 -10.58 -32.82 21.65
CA ASN F 89 -9.54 -33.85 21.55
C ASN F 89 -8.23 -33.36 22.17
N GLY F 90 -8.02 -32.05 22.11
CA GLY F 90 -6.81 -31.47 22.68
C GLY F 90 -6.99 -31.01 24.10
N LEU F 91 -8.16 -30.45 24.40
CA LEU F 91 -8.45 -29.97 25.75
C LEU F 91 -8.13 -31.03 26.80
N ARG F 92 -8.53 -32.27 26.53
CA ARG F 92 -8.28 -33.39 27.43
C ARG F 92 -6.79 -33.66 27.48
N ALA F 93 -6.12 -33.48 26.34
CA ALA F 93 -4.69 -33.74 26.22
C ALA F 93 -3.82 -32.51 26.52
N VAL F 94 -4.23 -31.71 27.49
CA VAL F 94 -3.46 -30.51 27.86
C VAL F 94 -3.84 -29.96 29.24
N GLU F 95 -4.67 -30.70 29.97
CA GLU F 95 -5.12 -30.33 31.32
C GLU F 95 -6.29 -29.35 31.34
N VAL F 96 -6.77 -28.93 30.17
CA VAL F 96 -7.89 -28.00 30.11
C VAL F 96 -9.19 -28.81 30.23
N ASP F 97 -9.91 -28.60 31.32
CA ASP F 97 -11.16 -29.34 31.55
C ASP F 97 -12.07 -29.24 30.33
N PRO F 98 -12.45 -30.40 29.76
CA PRO F 98 -13.32 -30.53 28.58
C PRO F 98 -14.72 -29.96 28.72
N SER F 99 -14.94 -29.11 29.73
CA SER F 99 -16.24 -28.51 29.95
C SER F 99 -16.29 -27.00 29.64
N LEU F 100 -15.20 -26.48 29.08
CA LEU F 100 -15.13 -25.06 28.72
C LEU F 100 -15.76 -24.84 27.34
N LEU F 101 -16.17 -25.93 26.70
CA LEU F 101 -16.80 -25.87 25.38
C LEU F 101 -18.33 -25.78 25.50
N LEU F 102 -18.83 -25.98 26.72
CA LEU F 102 -20.28 -25.93 26.96
C LEU F 102 -20.63 -24.63 27.71
N HIS F 103 -19.63 -23.98 28.29
CA HIS F 103 -19.83 -22.72 29.00
C HIS F 103 -19.76 -21.56 28.02
N MET F 104 -19.38 -21.88 26.79
CA MET F 104 -19.30 -20.87 25.72
C MET F 104 -20.47 -21.15 24.76
N LEU F 105 -21.40 -21.98 25.20
CA LEU F 105 -22.58 -22.34 24.42
C LEU F 105 -23.81 -22.52 25.34
N GLU F 106 -23.82 -21.80 26.45
CA GLU F 106 -24.90 -21.86 27.43
C GLU F 106 -25.32 -20.45 27.86
N HIS G 16 46.06 -14.31 7.22
CA HIS G 16 45.71 -13.77 8.56
C HIS G 16 44.30 -13.18 8.58
N ILE G 17 43.35 -13.96 9.08
CA ILE G 17 41.96 -13.54 9.17
C ILE G 17 41.53 -13.27 10.61
N LEU G 18 42.49 -13.25 11.54
CA LEU G 18 42.18 -12.98 12.94
C LEU G 18 41.90 -11.49 13.14
N ASN G 19 42.40 -10.67 12.22
CA ASN G 19 42.20 -9.22 12.24
C ASN G 19 41.40 -8.77 11.02
N SER G 20 40.17 -9.30 10.89
CA SER G 20 39.27 -8.98 9.79
C SER G 20 37.84 -9.40 10.15
N SER G 21 36.95 -8.41 10.21
CA SER G 21 35.54 -8.64 10.56
C SER G 21 34.75 -9.53 9.58
N PRO G 22 33.62 -10.12 10.05
CA PRO G 22 32.75 -10.99 9.26
C PRO G 22 31.77 -10.22 8.35
N SER G 23 30.81 -10.93 7.76
CA SER G 23 29.82 -10.30 6.86
C SER G 23 28.35 -10.75 7.05
N ASP G 24 27.51 -10.44 6.06
CA ASP G 24 26.08 -10.78 6.07
C ASP G 24 25.77 -12.28 6.04
N ARG G 25 26.75 -13.07 5.62
CA ARG G 25 26.59 -14.52 5.54
C ARG G 25 27.41 -15.15 6.67
N GLN G 26 28.38 -14.38 7.17
CA GLN G 26 29.24 -14.82 8.27
C GLN G 26 28.52 -14.63 9.59
N ILE G 27 27.95 -13.44 9.75
CA ILE G 27 27.23 -13.09 10.98
C ILE G 27 25.97 -13.94 11.14
N ASN G 28 25.44 -14.46 10.04
CA ASN G 28 24.24 -15.30 10.09
C ASN G 28 24.59 -16.77 10.36
N GLN G 29 25.88 -17.10 10.32
CA GLN G 29 26.34 -18.46 10.58
C GLN G 29 26.70 -18.59 12.06
N LEU G 30 27.25 -17.51 12.60
CA LEU G 30 27.64 -17.47 14.01
C LEU G 30 26.39 -17.30 14.87
N ALA G 31 25.37 -16.64 14.31
CA ALA G 31 24.13 -16.40 15.03
C ALA G 31 23.29 -17.66 15.19
N GLN G 32 23.40 -18.59 14.24
CA GLN G 32 22.66 -19.84 14.28
C GLN G 32 23.10 -20.75 15.43
N ARG G 33 24.35 -21.21 15.35
CA ARG G 33 24.93 -22.10 16.35
C ARG G 33 24.85 -21.61 17.81
N LEU G 34 25.05 -20.31 18.03
CA LEU G 34 24.99 -19.74 19.39
C LEU G 34 23.69 -20.11 20.09
N GLY G 35 23.79 -20.84 21.20
CA GLY G 35 22.61 -21.25 21.94
C GLY G 35 21.83 -20.10 22.55
N PRO G 36 21.12 -20.35 23.66
CA PRO G 36 20.32 -19.30 24.32
C PRO G 36 21.18 -18.23 25.00
N GLU G 37 22.49 -18.30 24.77
CA GLU G 37 23.43 -17.35 25.35
C GLU G 37 23.82 -16.21 24.42
N TRP G 38 22.93 -15.84 23.50
CA TRP G 38 23.19 -14.76 22.56
C TRP G 38 22.97 -13.39 23.23
N GLU G 39 22.43 -13.43 24.45
CA GLU G 39 22.16 -12.21 25.23
C GLU G 39 23.35 -11.98 26.16
N PRO G 40 23.81 -13.04 26.87
CA PRO G 40 24.95 -12.92 27.80
C PRO G 40 26.30 -12.89 27.07
N MET G 41 26.33 -13.35 25.83
CA MET G 41 27.57 -13.36 25.06
C MET G 41 27.92 -11.96 24.58
N VAL G 42 26.90 -11.21 24.14
CA VAL G 42 27.10 -9.85 23.66
C VAL G 42 27.31 -8.87 24.82
N LEU G 43 27.21 -9.38 26.04
CA LEU G 43 27.39 -8.57 27.26
C LEU G 43 28.87 -8.51 27.66
N SER G 44 29.74 -8.82 26.72
CA SER G 44 31.20 -8.79 26.93
C SER G 44 31.90 -8.37 25.63
N LEU G 45 31.17 -8.46 24.52
CA LEU G 45 31.69 -8.09 23.21
C LEU G 45 31.63 -6.58 22.97
N GLY G 46 30.61 -5.93 23.55
CA GLY G 46 30.48 -4.49 23.39
C GLY G 46 29.06 -3.96 23.35
N LEU G 47 28.09 -4.87 23.40
CA LEU G 47 26.68 -4.48 23.36
C LEU G 47 26.10 -4.42 24.78
N SER G 48 25.41 -3.32 25.09
CA SER G 48 24.83 -3.11 26.42
C SER G 48 23.42 -3.68 26.59
N GLN G 49 22.52 -2.87 27.16
CA GLN G 49 21.13 -3.28 27.38
C GLN G 49 20.16 -2.60 26.44
N THR G 50 20.52 -1.43 25.93
CA THR G 50 19.66 -0.70 24.99
C THR G 50 19.93 -1.24 23.59
N ASP G 51 20.83 -2.23 23.51
CA ASP G 51 21.19 -2.86 22.25
C ASP G 51 20.49 -4.21 22.02
N ILE G 52 20.56 -5.10 23.00
CA ILE G 52 19.94 -6.43 22.89
C ILE G 52 18.41 -6.34 22.97
N TYR G 53 17.91 -5.44 23.80
CA TYR G 53 16.47 -5.24 23.96
C TYR G 53 15.91 -4.37 22.86
N ARG G 54 16.79 -4.01 21.92
CA ARG G 54 16.40 -3.20 20.76
C ARG G 54 16.36 -4.14 19.57
N CYS G 55 16.74 -5.40 19.82
CA CYS G 55 16.75 -6.44 18.79
C CYS G 55 15.63 -7.43 19.11
N LYS G 56 15.43 -7.71 20.40
CA LYS G 56 14.37 -8.63 20.81
C LYS G 56 13.05 -7.97 20.41
N ALA G 57 13.06 -6.64 20.40
CA ALA G 57 11.89 -5.85 20.07
C ALA G 57 11.58 -5.83 18.58
N ASN G 58 12.52 -5.34 17.77
CA ASN G 58 12.31 -5.26 16.31
C ASN G 58 11.79 -6.59 15.75
N HIS G 59 12.24 -7.69 16.34
CA HIS G 59 11.81 -9.02 15.93
C HIS G 59 11.40 -9.79 17.21
N PRO G 60 10.12 -9.71 17.61
CA PRO G 60 9.67 -10.41 18.81
C PRO G 60 9.89 -11.91 18.74
N HIS G 61 9.45 -12.50 17.63
CA HIS G 61 9.58 -13.93 17.39
C HIS G 61 10.82 -14.16 16.53
N ASN G 62 11.22 -15.42 16.33
CA ASN G 62 12.41 -15.74 15.55
C ASN G 62 13.66 -15.27 16.30
N VAL G 63 14.05 -16.04 17.34
CA VAL G 63 15.22 -15.72 18.17
C VAL G 63 16.52 -15.79 17.36
N GLN G 64 16.37 -15.90 16.04
CA GLN G 64 17.51 -15.98 15.13
C GLN G 64 17.99 -14.61 14.69
N SER G 65 17.10 -13.87 14.02
CA SER G 65 17.42 -12.54 13.52
C SER G 65 17.63 -11.49 14.61
N GLN G 66 17.46 -11.89 15.87
CA GLN G 66 17.66 -10.96 16.99
C GLN G 66 19.17 -10.94 17.24
N VAL G 67 19.78 -12.11 17.13
CA VAL G 67 21.21 -12.27 17.33
C VAL G 67 21.93 -11.70 16.11
N VAL G 68 21.30 -11.85 14.94
CA VAL G 68 21.85 -11.38 13.67
C VAL G 68 21.88 -9.85 13.52
N GLU G 69 21.04 -9.15 14.27
CA GLU G 69 20.99 -7.69 14.20
C GLU G 69 21.92 -7.08 15.25
N ALA G 70 22.47 -7.93 16.11
CA ALA G 70 23.37 -7.50 17.18
C ALA G 70 24.81 -7.33 16.68
N PHE G 71 25.26 -8.25 15.82
CA PHE G 71 26.61 -8.18 15.25
C PHE G 71 26.65 -7.15 14.13
N ILE G 72 25.45 -6.74 13.68
CA ILE G 72 25.33 -5.73 12.64
C ILE G 72 25.74 -4.44 13.33
N ARG G 73 25.62 -4.44 14.65
CA ARG G 73 25.97 -3.29 15.49
C ARG G 73 27.46 -3.40 15.82
N TRP G 74 28.10 -4.40 15.22
CA TRP G 74 29.52 -4.66 15.44
C TRP G 74 30.30 -4.04 14.27
N ARG G 75 29.57 -3.48 13.30
CA ARG G 75 30.18 -2.85 12.12
C ARG G 75 29.60 -1.47 11.78
N GLN G 76 28.78 -0.92 12.67
CA GLN G 76 28.18 0.41 12.47
C GLN G 76 28.46 1.29 13.68
N ARG G 77 28.96 0.68 14.75
CA ARG G 77 29.29 1.39 15.99
C ARG G 77 30.70 1.01 16.44
N PHE G 78 31.14 -0.20 16.05
CA PHE G 78 32.47 -0.69 16.40
C PHE G 78 33.38 -0.70 15.16
N GLY G 79 33.68 -1.89 14.66
CA GLY G 79 34.53 -2.00 13.48
C GLY G 79 35.99 -2.23 13.77
N LYS G 80 36.53 -1.51 14.76
CA LYS G 80 37.93 -1.62 15.13
C LYS G 80 38.20 -2.82 16.06
N GLN G 81 38.10 -2.64 17.37
CA GLN G 81 38.33 -3.73 18.33
C GLN G 81 37.16 -4.71 18.30
N ALA G 82 36.60 -4.91 17.11
CA ALA G 82 35.48 -5.80 16.88
C ALA G 82 35.51 -6.33 15.44
N THR G 83 36.31 -7.37 15.22
CA THR G 83 36.43 -7.97 13.88
C THR G 83 36.23 -9.47 13.98
N PHE G 84 37.32 -10.21 14.23
CA PHE G 84 37.28 -11.66 14.36
C PHE G 84 38.18 -12.06 15.53
N GLN G 85 38.97 -11.09 16.00
CA GLN G 85 39.89 -11.30 17.12
C GLN G 85 39.16 -11.09 18.45
N SER G 86 38.15 -10.22 18.44
CA SER G 86 37.36 -9.93 19.63
C SER G 86 36.22 -10.96 19.71
N LEU G 87 36.30 -11.97 18.85
CA LEU G 87 35.32 -13.05 18.80
C LEU G 87 35.83 -14.24 19.61
N HIS G 88 37.08 -14.16 20.04
CA HIS G 88 37.72 -15.21 20.85
C HIS G 88 37.47 -14.96 22.34
N ASN G 89 37.61 -13.71 22.76
CA ASN G 89 37.41 -13.34 24.16
C ASN G 89 35.93 -13.12 24.48
N GLY G 90 35.08 -13.28 23.46
CA GLY G 90 33.65 -13.11 23.65
C GLY G 90 32.89 -14.41 23.66
N LEU G 91 33.16 -15.28 22.69
CA LEU G 91 32.50 -16.58 22.60
C LEU G 91 32.76 -17.41 23.85
N ARG G 92 34.03 -17.56 24.18
CA ARG G 92 34.47 -18.35 25.34
C ARG G 92 34.24 -17.60 26.65
N ALA G 93 33.72 -16.38 26.54
CA ALA G 93 33.41 -15.53 27.71
C ALA G 93 31.95 -15.79 28.10
N VAL G 94 31.41 -16.87 27.55
CA VAL G 94 30.03 -17.28 27.79
C VAL G 94 29.88 -18.79 27.52
N GLU G 95 30.94 -19.55 27.79
CA GLU G 95 30.97 -21.00 27.60
C GLU G 95 30.77 -21.45 26.15
N VAL G 96 31.63 -20.96 25.27
CA VAL G 96 31.60 -21.30 23.84
C VAL G 96 33.02 -21.25 23.27
N ASP G 97 33.71 -22.38 23.29
CA ASP G 97 35.09 -22.46 22.77
C ASP G 97 35.20 -21.80 21.39
N PRO G 98 36.15 -20.86 21.23
CA PRO G 98 36.44 -20.10 20.01
C PRO G 98 36.85 -20.91 18.77
N SER G 99 36.68 -22.22 18.81
CA SER G 99 37.04 -23.06 17.66
C SER G 99 35.92 -23.04 16.62
N LEU G 100 34.79 -22.42 16.98
CA LEU G 100 33.64 -22.28 16.09
C LEU G 100 33.96 -21.25 15.00
N LEU G 101 35.06 -20.52 15.21
CA LEU G 101 35.52 -19.49 14.29
C LEU G 101 36.19 -20.09 13.06
N LEU G 102 36.80 -21.27 13.25
CA LEU G 102 37.51 -21.97 12.18
C LEU G 102 36.59 -22.89 11.36
N HIS G 103 35.64 -23.53 12.03
CA HIS G 103 34.71 -24.44 11.35
C HIS G 103 33.57 -23.73 10.63
N MET G 104 33.54 -22.40 10.71
CA MET G 104 32.51 -21.61 10.03
C MET G 104 33.17 -20.86 8.88
N LEU G 105 34.49 -20.85 8.88
CA LEU G 105 35.28 -20.19 7.85
C LEU G 105 35.82 -21.24 6.87
N GLU G 106 34.92 -22.14 6.45
CA GLU G 106 35.28 -23.20 5.52
C GLU G 106 34.33 -23.17 4.31
N MET H 1 10.04 0.44 -30.75
CA MET H 1 9.75 0.11 -32.18
C MET H 1 10.80 0.68 -33.17
N ASN H 2 12.06 0.70 -32.75
CA ASN H 2 13.14 1.22 -33.59
C ASN H 2 14.33 1.50 -32.67
N LEU H 3 14.78 0.46 -31.96
CA LEU H 3 15.90 0.62 -31.03
C LEU H 3 17.12 -0.20 -31.41
N GLY H 4 18.27 0.46 -31.46
CA GLY H 4 19.51 -0.23 -31.77
C GLY H 4 19.85 -0.47 -33.24
N ASP H 5 21.14 -0.64 -33.51
CA ASP H 5 21.64 -0.89 -34.86
C ASP H 5 21.79 -2.39 -35.05
N ALA H 6 22.24 -2.81 -36.23
CA ALA H 6 22.40 -4.24 -36.50
C ALA H 6 23.65 -4.84 -35.85
N GLU H 7 24.60 -3.98 -35.50
CA GLU H 7 25.83 -4.44 -34.85
C GLU H 7 25.46 -5.02 -33.49
N THR H 8 24.68 -4.24 -32.74
CA THR H 8 24.23 -4.61 -31.40
C THR H 8 23.06 -5.59 -31.40
N GLY H 9 22.02 -5.22 -32.14
CA GLY H 9 20.82 -6.02 -32.25
C GLY H 9 19.69 -5.04 -32.10
N PHE H 10 18.47 -5.46 -32.46
CA PHE H 10 17.32 -4.57 -32.32
C PHE H 10 16.42 -4.94 -31.15
N LEU H 11 15.26 -4.31 -31.08
CA LEU H 11 14.30 -4.58 -30.03
C LEU H 11 12.93 -4.24 -30.54
N THR H 12 12.13 -5.26 -30.86
CA THR H 12 10.81 -4.97 -31.36
C THR H 12 9.91 -4.46 -30.27
N GLN H 13 8.65 -4.28 -30.62
CA GLN H 13 7.67 -3.83 -29.66
C GLN H 13 7.37 -5.06 -28.79
N SER H 14 7.09 -6.19 -29.44
CA SER H 14 6.81 -7.42 -28.69
C SER H 14 7.90 -7.56 -27.62
N ASN H 15 9.09 -7.10 -27.93
CA ASN H 15 10.24 -7.16 -27.02
C ASN H 15 10.05 -6.21 -25.83
N LEU H 16 10.14 -4.92 -26.10
CA LEU H 16 10.00 -3.93 -25.06
C LEU H 16 8.66 -4.11 -24.36
N LEU H 17 7.66 -4.58 -25.08
CA LEU H 17 6.32 -4.77 -24.52
C LEU H 17 6.39 -5.73 -23.36
N SER H 18 7.30 -6.70 -23.46
CA SER H 18 7.50 -7.72 -22.42
C SER H 18 8.39 -7.20 -21.31
N VAL H 19 9.48 -6.54 -21.67
CA VAL H 19 10.38 -5.95 -20.68
C VAL H 19 9.48 -5.21 -19.70
N ALA H 20 8.37 -4.69 -20.23
CA ALA H 20 7.39 -3.94 -19.44
C ALA H 20 6.57 -4.89 -18.58
N GLY H 21 6.05 -5.96 -19.20
CA GLY H 21 5.26 -6.91 -18.45
C GLY H 21 6.08 -7.58 -17.35
N ARG H 22 7.41 -7.54 -17.49
CA ARG H 22 8.31 -8.15 -16.50
C ARG H 22 8.62 -7.19 -15.31
N LEU H 23 8.23 -5.92 -15.45
CA LEU H 23 8.45 -4.94 -14.40
C LEU H 23 7.20 -4.74 -13.52
N GLY H 24 7.42 -4.47 -12.23
CA GLY H 24 6.32 -4.29 -11.33
C GLY H 24 6.23 -2.90 -10.72
N LEU H 25 6.26 -2.82 -9.40
CA LEU H 25 6.19 -1.53 -8.74
C LEU H 25 7.57 -0.90 -8.65
N ASP H 26 8.52 -1.45 -9.39
CA ASP H 26 9.88 -0.93 -9.37
C ASP H 26 10.16 -0.21 -10.65
N TRP H 27 9.12 -0.06 -11.46
CA TRP H 27 9.26 0.65 -12.71
C TRP H 27 9.97 2.00 -12.47
N PRO H 28 9.49 2.80 -11.50
CA PRO H 28 10.14 4.09 -11.29
C PRO H 28 11.64 3.96 -11.16
N ALA H 29 12.09 2.97 -10.39
CA ALA H 29 13.51 2.76 -10.20
C ALA H 29 14.22 2.69 -11.55
N VAL H 30 13.66 1.92 -12.48
CA VAL H 30 14.26 1.79 -13.80
C VAL H 30 14.32 3.15 -14.50
N ALA H 31 13.17 3.69 -14.88
CA ALA H 31 13.12 4.98 -15.57
C ALA H 31 13.96 6.08 -14.93
N LEU H 32 14.38 5.91 -13.68
CA LEU H 32 15.22 6.94 -13.07
C LEU H 32 16.65 6.77 -13.58
N HIS H 33 17.17 5.53 -13.53
CA HIS H 33 18.52 5.24 -14.05
C HIS H 33 18.53 5.38 -15.56
N LEU H 34 17.35 5.35 -16.18
CA LEU H 34 17.22 5.50 -17.62
C LEU H 34 17.40 6.95 -18.01
N GLY H 35 17.17 7.84 -17.04
CA GLY H 35 17.30 9.25 -17.29
C GLY H 35 16.04 10.08 -17.12
N VAL H 36 14.93 9.44 -16.78
CA VAL H 36 13.69 10.18 -16.59
C VAL H 36 13.76 10.93 -15.26
N SER H 37 13.16 12.13 -15.22
CA SER H 37 13.16 12.97 -14.02
C SER H 37 12.04 12.52 -13.08
N TYR H 38 12.30 12.64 -11.79
CA TYR H 38 11.33 12.25 -10.77
C TYR H 38 10.06 13.02 -11.08
N ARG H 39 10.26 14.22 -11.59
CA ARG H 39 9.15 15.08 -11.94
C ARG H 39 8.28 14.38 -12.97
N GLU H 40 8.93 13.71 -13.92
CA GLU H 40 8.20 13.01 -14.98
C GLU H 40 7.71 11.62 -14.62
N VAL H 41 8.44 10.94 -13.74
CA VAL H 41 8.01 9.63 -13.31
C VAL H 41 6.65 9.93 -12.72
N GLN H 42 6.60 10.98 -11.90
CA GLN H 42 5.39 11.42 -11.24
C GLN H 42 4.27 11.83 -12.19
N ARG H 43 4.62 12.54 -13.25
CA ARG H 43 3.64 13.00 -14.22
C ARG H 43 2.91 11.80 -14.81
N ILE H 44 3.64 10.69 -14.93
CA ILE H 44 3.11 9.44 -15.48
C ILE H 44 2.27 8.68 -14.48
N ARG H 45 2.84 8.46 -13.29
CA ARG H 45 2.14 7.75 -12.23
C ARG H 45 0.74 8.36 -12.09
N HIS H 46 0.67 9.66 -12.37
CA HIS H 46 -0.59 10.38 -12.26
C HIS H 46 -1.55 10.19 -13.42
N GLU H 47 -1.05 10.31 -14.65
CA GLU H 47 -1.88 10.19 -15.86
C GLU H 47 -2.58 8.84 -16.01
N PHE H 48 -2.10 7.82 -15.29
CA PHE H 48 -2.68 6.49 -15.37
C PHE H 48 -2.85 5.87 -13.99
N ARG H 49 -2.99 6.70 -12.97
CA ARG H 49 -3.15 6.26 -11.58
C ARG H 49 -4.03 5.02 -11.36
N ASP H 50 -4.88 4.71 -12.32
CA ASP H 50 -5.78 3.56 -12.21
C ASP H 50 -5.41 2.41 -13.16
N ASP H 51 -4.17 2.41 -13.61
CA ASP H 51 -3.69 1.41 -14.55
C ASP H 51 -2.17 1.28 -14.48
N LEU H 52 -1.69 0.39 -13.62
CA LEU H 52 -0.24 0.18 -13.47
C LEU H 52 0.39 -0.16 -14.79
N ASP H 53 -0.25 -1.05 -15.53
CA ASP H 53 0.27 -1.46 -16.84
C ASP H 53 0.59 -0.25 -17.71
N GLU H 54 -0.44 0.40 -18.23
CA GLU H 54 -0.24 1.55 -19.10
C GLU H 54 0.75 2.54 -18.52
N GLN H 55 0.91 2.53 -17.21
CA GLN H 55 1.89 3.44 -16.64
C GLN H 55 3.26 3.01 -17.13
N ILE H 56 3.54 1.72 -17.03
CA ILE H 56 4.82 1.21 -17.45
C ILE H 56 5.03 1.22 -18.96
N ARG H 57 4.01 0.84 -19.72
CA ARG H 57 4.17 0.84 -21.16
C ARG H 57 4.52 2.27 -21.52
N HIS H 58 3.63 3.19 -21.17
CA HIS H 58 3.84 4.59 -21.49
C HIS H 58 5.22 5.06 -21.07
N MET H 59 5.72 4.55 -19.95
CA MET H 59 7.03 4.96 -19.50
C MET H 59 8.08 4.55 -20.51
N LEU H 60 8.18 3.24 -20.74
CA LEU H 60 9.13 2.66 -21.69
C LEU H 60 9.01 3.14 -23.13
N PHE H 61 7.83 3.00 -23.72
CA PHE H 61 7.64 3.43 -25.10
C PHE H 61 7.93 4.91 -25.33
N SER H 62 7.63 5.77 -24.36
CA SER H 62 7.89 7.20 -24.48
C SER H 62 9.37 7.49 -24.38
N TRP H 63 10.11 6.54 -23.84
CA TRP H 63 11.55 6.65 -23.71
C TRP H 63 12.14 6.03 -24.95
N ALA H 64 11.36 5.18 -25.60
CA ALA H 64 11.78 4.51 -26.82
C ALA H 64 11.74 5.50 -28.00
N GLU H 65 10.80 6.44 -27.94
CA GLU H 65 10.67 7.47 -28.97
C GLU H 65 11.91 8.35 -28.91
N ARG H 66 12.07 9.04 -27.78
CA ARG H 66 13.20 9.93 -27.54
C ARG H 66 14.54 9.25 -27.76
N GLN H 67 14.52 7.95 -28.07
CA GLN H 67 15.76 7.23 -28.30
C GLN H 67 15.91 6.82 -29.76
N ALA H 68 14.87 7.09 -30.55
CA ALA H 68 14.78 6.79 -31.99
C ALA H 68 16.08 6.44 -32.72
N GLY H 69 17.15 7.18 -32.46
CA GLY H 69 18.41 6.88 -33.10
C GLY H 69 19.43 6.54 -32.02
N GLN H 70 20.35 7.47 -31.80
CA GLN H 70 21.38 7.33 -30.78
C GLN H 70 22.20 6.06 -30.88
N PRO H 71 23.33 6.00 -30.14
CA PRO H 71 24.15 4.80 -30.21
C PRO H 71 23.46 3.63 -29.49
N GLY H 72 24.03 3.25 -28.36
CA GLY H 72 23.50 2.13 -27.59
C GLY H 72 22.25 2.41 -26.78
N ALA H 73 21.18 2.79 -27.47
CA ALA H 73 19.92 3.05 -26.81
C ALA H 73 19.58 1.78 -26.03
N VAL H 74 19.64 0.65 -26.71
CA VAL H 74 19.35 -0.65 -26.11
C VAL H 74 20.36 -1.01 -25.04
N GLY H 75 21.60 -0.59 -25.24
CA GLY H 75 22.62 -0.90 -24.25
C GLY H 75 22.31 -0.23 -22.92
N LEU H 76 21.81 1.01 -23.00
CA LEU H 76 21.48 1.77 -21.81
C LEU H 76 20.39 1.10 -20.99
N LEU H 77 19.31 0.73 -21.67
CA LEU H 77 18.18 0.06 -21.03
C LEU H 77 18.68 -1.12 -20.22
N VAL H 78 19.52 -1.95 -20.83
CA VAL H 78 20.05 -3.12 -20.12
C VAL H 78 20.79 -2.66 -18.89
N GLN H 79 21.50 -1.56 -19.06
CA GLN H 79 22.29 -1.02 -17.97
C GLN H 79 21.38 -0.57 -16.83
N ALA H 80 20.32 0.15 -17.16
CA ALA H 80 19.38 0.61 -16.15
C ALA H 80 18.83 -0.62 -15.42
N LEU H 81 18.19 -1.52 -16.17
CA LEU H 81 17.63 -2.73 -15.57
C LEU H 81 18.58 -3.39 -14.57
N GLU H 82 19.88 -3.40 -14.86
CA GLU H 82 20.83 -4.00 -13.93
C GLU H 82 20.96 -3.08 -12.73
N GLN H 83 21.13 -1.80 -13.03
CA GLN H 83 21.29 -0.73 -12.06
C GLN H 83 20.03 -0.63 -11.18
N SER H 84 18.92 -1.18 -11.66
CA SER H 84 17.66 -1.18 -10.93
C SER H 84 17.47 -2.55 -10.31
N ASP H 85 18.58 -3.11 -9.83
CA ASP H 85 18.57 -4.42 -9.19
C ASP H 85 17.72 -5.51 -9.85
N ARG H 86 17.80 -5.58 -11.18
CA ARG H 86 17.06 -6.59 -11.95
C ARG H 86 17.97 -7.31 -12.96
N GLN H 87 19.06 -7.93 -12.51
CA GLN H 87 19.95 -8.68 -13.40
C GLN H 87 19.01 -9.64 -14.14
N ASP H 88 17.88 -9.86 -13.49
CA ASP H 88 16.77 -10.69 -13.93
C ASP H 88 16.42 -10.39 -15.39
N VAL H 89 15.88 -9.20 -15.63
CA VAL H 89 15.46 -8.76 -16.95
C VAL H 89 16.60 -8.14 -17.74
N ALA H 90 17.76 -7.99 -17.12
CA ALA H 90 18.90 -7.44 -17.85
C ALA H 90 19.33 -8.53 -18.82
N GLU H 91 19.41 -9.76 -18.31
CA GLU H 91 19.80 -10.93 -19.08
C GLU H 91 18.84 -11.33 -20.21
N GLU H 92 17.53 -11.34 -19.99
CA GLU H 92 16.62 -11.71 -21.09
C GLU H 92 16.82 -10.73 -22.22
N VAL H 93 16.87 -9.44 -21.89
CA VAL H 93 17.04 -8.44 -22.92
C VAL H 93 18.28 -8.71 -23.74
N ARG H 94 19.40 -9.00 -23.08
CA ARG H 94 20.62 -9.31 -23.81
C ARG H 94 20.35 -10.56 -24.66
N ALA H 95 19.70 -11.55 -24.08
CA ALA H 95 19.37 -12.78 -24.80
C ALA H 95 18.76 -12.42 -26.15
N VAL H 96 17.45 -12.18 -26.18
CA VAL H 96 16.73 -11.84 -27.42
C VAL H 96 17.53 -10.93 -28.37
N LEU H 97 18.51 -10.26 -27.79
CA LEU H 97 19.37 -9.34 -28.49
C LEU H 97 20.43 -10.06 -29.34
N GLU H 98 20.41 -11.39 -29.34
CA GLU H 98 21.39 -12.16 -30.10
C GLU H 98 21.08 -12.33 -31.57
N LEU H 99 21.68 -11.44 -32.35
CA LEU H 99 21.56 -11.38 -33.82
C LEU H 99 22.27 -10.12 -34.40
N GLY H 100 23.53 -10.24 -34.81
CA GLY H 100 24.25 -9.09 -35.35
C GLY H 100 25.62 -9.31 -35.97
N MET I 1 6.21 36.34 -18.94
CA MET I 1 5.48 37.56 -19.39
C MET I 1 6.09 38.85 -18.83
N ASN I 2 5.32 39.94 -18.92
CA ASN I 2 5.74 41.25 -18.42
C ASN I 2 5.88 41.19 -16.90
N LEU I 3 5.91 39.96 -16.37
CA LEU I 3 6.01 39.76 -14.93
C LEU I 3 7.37 40.17 -14.38
N GLY I 4 7.41 41.37 -13.81
CA GLY I 4 8.65 41.89 -13.25
C GLY I 4 8.89 43.31 -13.69
N ASP I 5 9.23 44.18 -12.75
CA ASP I 5 9.52 45.58 -13.05
C ASP I 5 11.04 45.79 -13.12
N ALA I 6 11.44 46.82 -13.85
CA ALA I 6 12.86 47.12 -14.02
C ALA I 6 13.66 47.03 -12.71
N GLU I 7 13.02 47.40 -11.61
CA GLU I 7 13.67 47.37 -10.30
C GLU I 7 14.00 45.93 -9.92
N THR I 8 13.07 45.26 -9.26
CA THR I 8 13.26 43.86 -8.85
C THR I 8 13.95 43.07 -9.95
N GLY I 9 13.15 42.70 -10.95
CA GLY I 9 13.65 41.94 -12.08
C GLY I 9 12.46 41.46 -12.88
N PHE I 10 12.70 41.01 -14.11
CA PHE I 10 11.62 40.53 -14.95
C PHE I 10 11.52 39.01 -14.91
N LEU I 11 10.66 38.47 -15.77
CA LEU I 11 10.46 37.03 -15.86
C LEU I 11 9.79 36.73 -17.20
N THR I 12 10.57 36.14 -18.09
CA THR I 12 10.09 35.79 -19.42
C THR I 12 9.22 34.55 -19.35
N GLN I 13 8.34 34.38 -20.34
CA GLN I 13 7.51 33.18 -20.36
C GLN I 13 8.45 31.99 -20.24
N SER I 14 9.65 32.15 -20.77
CA SER I 14 10.67 31.10 -20.72
C SER I 14 11.07 30.84 -19.28
N ASN I 15 11.07 31.90 -18.48
CA ASN I 15 11.39 31.77 -17.06
C ASN I 15 10.19 31.15 -16.35
N LEU I 16 8.99 31.52 -16.77
CA LEU I 16 7.74 31.01 -16.20
C LEU I 16 7.64 29.51 -16.48
N LEU I 17 7.90 29.14 -17.71
CA LEU I 17 7.87 27.75 -18.11
C LEU I 17 8.89 26.98 -17.27
N SER I 18 10.08 27.56 -17.07
CA SER I 18 11.12 26.91 -16.27
C SER I 18 10.51 26.47 -14.94
N VAL I 19 9.56 27.27 -14.48
CA VAL I 19 8.88 27.00 -13.22
C VAL I 19 7.81 25.93 -13.44
N ALA I 20 6.78 26.25 -14.21
CA ALA I 20 5.69 25.29 -14.47
C ALA I 20 6.17 23.85 -14.66
N GLY I 21 7.28 23.68 -15.37
CA GLY I 21 7.80 22.35 -15.61
C GLY I 21 8.57 21.74 -14.45
N ARG I 22 9.01 22.58 -13.51
CA ARG I 22 9.73 22.08 -12.35
C ARG I 22 8.75 21.73 -11.23
N LEU I 23 7.47 22.06 -11.42
CA LEU I 23 6.42 21.81 -10.44
C LEU I 23 5.67 20.51 -10.69
N GLY I 24 5.37 19.82 -9.60
CA GLY I 24 4.68 18.54 -9.67
C GLY I 24 3.19 18.59 -9.36
N LEU I 25 2.78 17.78 -8.39
CA LEU I 25 1.38 17.74 -7.99
C LEU I 25 1.15 18.70 -6.84
N ASP I 26 2.25 19.27 -6.34
CA ASP I 26 2.16 20.23 -5.26
C ASP I 26 1.81 21.58 -5.84
N TRP I 27 1.40 21.59 -7.09
CA TRP I 27 1.04 22.83 -7.73
C TRP I 27 0.01 23.59 -6.88
N PRO I 28 -1.10 22.93 -6.49
CA PRO I 28 -2.14 23.57 -5.68
C PRO I 28 -1.61 24.25 -4.42
N ALA I 29 -0.44 23.80 -3.96
CA ALA I 29 0.15 24.41 -2.78
C ALA I 29 0.50 25.79 -3.30
N VAL I 30 1.45 25.82 -4.23
CA VAL I 30 1.89 27.06 -4.84
C VAL I 30 0.67 27.93 -5.18
N ALA I 31 -0.34 27.33 -5.78
CA ALA I 31 -1.51 28.10 -6.14
C ALA I 31 -2.17 28.77 -4.97
N LEU I 32 -2.70 27.96 -4.04
CA LEU I 32 -3.38 28.48 -2.86
C LEU I 32 -2.53 29.52 -2.14
N HIS I 33 -1.22 29.31 -2.12
CA HIS I 33 -0.31 30.24 -1.47
C HIS I 33 -0.18 31.55 -2.18
N LEU I 34 -0.50 31.58 -3.47
CA LEU I 34 -0.43 32.80 -4.26
C LEU I 34 -1.79 33.49 -4.19
N GLY I 35 -2.62 33.03 -3.27
CA GLY I 35 -3.94 33.62 -3.14
C GLY I 35 -4.94 33.02 -4.10
N VAL I 36 -4.49 32.09 -4.94
CA VAL I 36 -5.39 31.47 -5.90
C VAL I 36 -6.51 30.77 -5.19
N SER I 37 -7.74 31.15 -5.52
CA SER I 37 -8.93 30.56 -4.92
C SER I 37 -8.89 29.06 -5.04
N TYR I 38 -9.51 28.34 -4.12
CA TYR I 38 -9.49 26.90 -4.24
C TYR I 38 -10.50 26.42 -5.27
N ARG I 39 -11.53 27.23 -5.58
CA ARG I 39 -12.49 26.77 -6.58
C ARG I 39 -11.80 26.95 -7.94
N GLU I 40 -10.77 27.79 -7.99
CA GLU I 40 -10.03 27.99 -9.23
C GLU I 40 -9.05 26.83 -9.42
N VAL I 41 -8.39 26.44 -8.33
CA VAL I 41 -7.48 25.31 -8.40
C VAL I 41 -8.34 24.11 -8.79
N GLN I 42 -9.54 24.07 -8.24
CA GLN I 42 -10.52 23.01 -8.48
C GLN I 42 -10.94 23.00 -9.94
N ARG I 43 -11.32 24.18 -10.43
CA ARG I 43 -11.76 24.37 -11.81
C ARG I 43 -10.64 24.04 -12.81
N ILE I 44 -9.49 24.69 -12.63
CA ILE I 44 -8.35 24.47 -13.50
C ILE I 44 -8.08 22.97 -13.60
N ARG I 45 -7.89 22.34 -12.45
CA ARG I 45 -7.62 20.91 -12.43
C ARG I 45 -8.60 20.18 -13.34
N HIS I 46 -9.90 20.28 -13.07
CA HIS I 46 -10.87 19.59 -13.90
C HIS I 46 -10.89 19.95 -15.38
N GLU I 47 -10.76 21.24 -15.66
CA GLU I 47 -10.81 21.73 -17.02
C GLU I 47 -9.59 21.32 -17.86
N PHE I 48 -8.76 20.44 -17.31
CA PHE I 48 -7.56 19.95 -17.98
C PHE I 48 -7.09 18.68 -17.26
N ARG I 49 -8.01 18.03 -16.57
CA ARG I 49 -7.71 16.83 -15.79
C ARG I 49 -6.79 15.79 -16.40
N ASP I 50 -6.96 15.51 -17.68
CA ASP I 50 -6.12 14.53 -18.35
C ASP I 50 -4.68 15.00 -18.62
N ASP I 51 -4.46 16.32 -18.60
CA ASP I 51 -3.13 16.88 -18.86
C ASP I 51 -2.55 17.68 -17.70
N LEU I 52 -1.85 17.01 -16.80
CA LEU I 52 -1.26 17.68 -15.65
C LEU I 52 -0.47 18.91 -16.01
N ASP I 53 0.37 18.82 -17.03
CA ASP I 53 1.19 19.94 -17.44
C ASP I 53 0.46 21.18 -17.92
N GLU I 54 -0.77 21.01 -18.40
CA GLU I 54 -1.55 22.14 -18.89
C GLU I 54 -2.14 22.87 -17.71
N GLN I 55 -2.31 22.15 -16.61
CA GLN I 55 -2.83 22.74 -15.40
C GLN I 55 -1.79 23.68 -14.80
N ILE I 56 -0.61 23.14 -14.50
CA ILE I 56 0.46 23.95 -13.92
C ILE I 56 0.73 25.19 -14.72
N ARG I 57 0.49 25.14 -16.02
CA ARG I 57 0.72 26.31 -16.85
C ARG I 57 -0.47 27.27 -16.83
N HIS I 58 -1.67 26.76 -17.05
CA HIS I 58 -2.83 27.65 -17.03
C HIS I 58 -2.94 28.40 -15.68
N MET I 59 -2.63 27.74 -14.57
CA MET I 59 -2.70 28.36 -13.24
C MET I 59 -1.65 29.45 -13.07
N LEU I 60 -0.40 29.11 -13.38
CA LEU I 60 0.72 30.03 -13.25
C LEU I 60 0.70 31.26 -14.16
N PHE I 61 0.18 31.11 -15.38
CA PHE I 61 0.12 32.23 -16.32
C PHE I 61 -1.13 33.07 -16.08
N SER I 62 -2.25 32.43 -15.77
CA SER I 62 -3.50 33.16 -15.49
C SER I 62 -3.24 34.15 -14.35
N TRP I 63 -2.42 33.70 -13.40
CA TRP I 63 -2.07 34.49 -12.24
C TRP I 63 -1.01 35.52 -12.56
N ALA I 64 -0.05 35.14 -13.40
CA ALA I 64 1.04 36.05 -13.79
C ALA I 64 0.46 37.29 -14.48
N GLU I 65 -0.71 37.12 -15.10
CA GLU I 65 -1.42 38.18 -15.80
C GLU I 65 -2.11 39.12 -14.84
N ARG I 66 -2.93 38.56 -13.95
CA ARG I 66 -3.66 39.37 -12.98
C ARG I 66 -2.69 40.34 -12.33
N GLN I 67 -1.43 39.98 -12.32
CA GLN I 67 -0.37 40.82 -11.75
C GLN I 67 0.23 41.71 -12.83
N ALA I 68 -0.62 42.18 -13.74
CA ALA I 68 -0.21 43.05 -14.85
C ALA I 68 0.93 43.99 -14.42
N GLY I 69 0.57 45.10 -13.78
CA GLY I 69 1.59 46.01 -13.32
C GLY I 69 2.17 45.37 -12.08
N GLN I 70 1.75 45.89 -10.93
CA GLN I 70 2.14 45.41 -9.60
C GLN I 70 3.63 45.34 -9.27
N PRO I 71 3.97 45.72 -8.02
CA PRO I 71 5.31 45.75 -7.45
C PRO I 71 6.07 44.43 -7.46
N GLY I 72 6.47 43.96 -6.27
CA GLY I 72 7.21 42.72 -6.14
C GLY I 72 6.41 41.45 -6.35
N ALA I 73 5.60 41.44 -7.39
CA ALA I 73 4.77 40.29 -7.73
C ALA I 73 5.67 39.09 -8.01
N VAL I 74 6.95 39.36 -8.20
CA VAL I 74 7.91 38.29 -8.44
C VAL I 74 8.31 37.75 -7.08
N GLY I 75 8.33 38.63 -6.08
CA GLY I 75 8.67 38.21 -4.75
C GLY I 75 7.58 37.28 -4.25
N LEU I 76 6.35 37.49 -4.73
CA LEU I 76 5.22 36.66 -4.33
C LEU I 76 5.40 35.25 -4.84
N LEU I 77 5.87 35.14 -6.07
CA LEU I 77 6.10 33.82 -6.68
C LEU I 77 7.16 33.12 -5.85
N VAL I 78 8.22 33.84 -5.53
CA VAL I 78 9.32 33.27 -4.75
C VAL I 78 8.91 32.86 -3.34
N GLN I 79 8.12 33.71 -2.66
CA GLN I 79 7.68 33.42 -1.30
C GLN I 79 6.70 32.24 -1.31
N ALA I 80 5.87 32.16 -2.34
CA ALA I 80 4.92 31.06 -2.44
C ALA I 80 5.73 29.76 -2.57
N LEU I 81 6.49 29.65 -3.65
CA LEU I 81 7.32 28.47 -3.85
C LEU I 81 8.06 28.10 -2.56
N GLU I 82 8.27 29.09 -1.70
CA GLU I 82 9.01 28.87 -0.47
C GLU I 82 8.21 28.24 0.64
N GLN I 83 6.94 28.61 0.74
CA GLN I 83 6.07 28.05 1.76
C GLN I 83 5.34 26.86 1.18
N SER I 84 5.73 26.50 -0.02
CA SER I 84 5.16 25.36 -0.71
C SER I 84 6.28 24.32 -0.66
N ASP I 85 7.15 24.48 0.33
CA ASP I 85 8.30 23.62 0.58
C ASP I 85 9.21 23.37 -0.62
N ARG I 86 9.29 24.34 -1.52
CA ARG I 86 10.13 24.21 -2.71
C ARG I 86 11.18 25.32 -2.85
N GLN I 87 12.11 25.39 -1.89
CA GLN I 87 13.21 26.35 -1.93
C GLN I 87 13.79 26.06 -3.30
N ASP I 88 13.69 24.78 -3.62
CA ASP I 88 14.08 24.16 -4.87
C ASP I 88 13.97 25.19 -5.99
N VAL I 89 12.74 25.45 -6.40
CA VAL I 89 12.49 26.38 -7.48
C VAL I 89 12.64 27.81 -7.04
N ALA I 90 12.50 28.08 -5.75
CA ALA I 90 12.62 29.44 -5.25
C ALA I 90 14.00 30.02 -5.61
N GLU I 91 15.07 29.30 -5.25
CA GLU I 91 16.43 29.74 -5.53
C GLU I 91 16.72 29.87 -7.04
N GLU I 92 16.14 28.98 -7.86
CA GLU I 92 16.35 29.07 -9.31
C GLU I 92 15.75 30.36 -9.83
N VAL I 93 14.70 30.86 -9.16
CA VAL I 93 14.07 32.11 -9.57
C VAL I 93 14.90 33.27 -9.04
N ARG I 94 15.61 33.03 -7.94
CA ARG I 94 16.48 34.06 -7.38
C ARG I 94 17.66 34.17 -8.35
N ALA I 95 18.20 33.01 -8.72
CA ALA I 95 19.33 32.94 -9.64
C ALA I 95 19.01 33.63 -10.97
N VAL I 96 17.87 33.30 -11.57
CA VAL I 96 17.50 33.93 -12.84
C VAL I 96 17.27 35.41 -12.60
N LEU I 97 16.78 35.76 -11.41
CA LEU I 97 16.55 37.15 -11.06
C LEU I 97 17.89 37.88 -10.90
N GLU I 98 18.94 37.23 -11.40
CA GLU I 98 20.28 37.78 -11.35
C GLU I 98 20.64 38.29 -12.75
N LEU I 99 19.92 39.33 -13.16
CA LEU I 99 20.16 39.98 -14.45
C LEU I 99 20.83 41.29 -14.05
N GLY I 100 20.25 41.94 -13.04
CA GLY I 100 20.79 43.20 -12.54
C GLY I 100 19.67 44.07 -11.99
N MET J 1 -10.22 30.04 3.37
CA MET J 1 -10.41 31.24 2.51
C MET J 1 -11.03 32.47 3.20
N ASN J 2 -12.31 32.37 3.56
CA ASN J 2 -13.04 33.44 4.23
C ASN J 2 -13.62 32.89 5.55
N LEU J 3 -12.75 32.49 6.48
CA LEU J 3 -13.17 31.89 7.76
C LEU J 3 -13.23 32.84 8.94
N GLY J 4 -14.31 32.76 9.69
CA GLY J 4 -14.44 33.59 10.87
C GLY J 4 -15.01 34.97 10.60
N ASP J 5 -15.18 35.73 11.68
CA ASP J 5 -15.73 37.08 11.65
C ASP J 5 -14.67 38.04 12.22
N ALA J 6 -15.04 39.31 12.32
CA ALA J 6 -14.12 40.32 12.84
C ALA J 6 -13.79 40.09 14.30
N GLU J 7 -14.82 39.79 15.09
CA GLU J 7 -14.62 39.60 16.53
C GLU J 7 -13.70 38.45 16.92
N THR J 8 -14.04 37.23 16.48
CA THR J 8 -13.23 36.04 16.77
C THR J 8 -11.86 36.12 16.12
N GLY J 9 -11.85 36.45 14.84
CA GLY J 9 -10.61 36.56 14.08
C GLY J 9 -10.87 35.86 12.78
N PHE J 10 -9.93 35.93 11.83
CA PHE J 10 -10.10 35.24 10.55
C PHE J 10 -9.04 34.18 10.33
N LEU J 11 -9.28 33.33 9.34
CA LEU J 11 -8.34 32.28 8.97
C LEU J 11 -7.96 32.44 7.51
N THR J 12 -6.70 32.71 7.24
CA THR J 12 -6.28 32.90 5.87
C THR J 12 -6.06 31.55 5.21
N GLN J 13 -5.96 31.55 3.88
CA GLN J 13 -5.71 30.31 3.17
C GLN J 13 -4.38 29.77 3.68
N SER J 14 -3.39 30.64 3.81
CA SER J 14 -2.09 30.22 4.29
C SER J 14 -2.23 29.47 5.61
N ASN J 15 -3.10 29.97 6.48
CA ASN J 15 -3.36 29.36 7.80
C ASN J 15 -3.94 27.97 7.60
N LEU J 16 -5.11 27.91 6.96
CA LEU J 16 -5.78 26.64 6.73
C LEU J 16 -4.80 25.69 6.08
N LEU J 17 -4.00 26.25 5.18
CA LEU J 17 -2.99 25.48 4.48
C LEU J 17 -1.99 24.94 5.49
N SER J 18 -1.74 25.69 6.55
CA SER J 18 -0.81 25.27 7.60
C SER J 18 -1.39 24.14 8.44
N VAL J 19 -2.71 24.14 8.59
CA VAL J 19 -3.36 23.10 9.37
C VAL J 19 -3.19 21.81 8.58
N ALA J 20 -3.59 21.86 7.31
CA ALA J 20 -3.45 20.72 6.44
C ALA J 20 -2.04 20.17 6.54
N GLY J 21 -1.08 21.06 6.76
CA GLY J 21 0.29 20.63 6.82
C GLY J 21 0.62 19.87 8.08
N ARG J 22 -0.01 20.24 9.19
CA ARG J 22 0.28 19.56 10.45
C ARG J 22 -0.53 18.25 10.62
N LEU J 23 -1.49 18.01 9.72
CA LEU J 23 -2.29 16.79 9.77
C LEU J 23 -1.61 15.63 9.05
N GLY J 24 -1.82 14.42 9.56
CA GLY J 24 -1.21 13.26 8.95
C GLY J 24 -2.28 12.26 8.59
N LEU J 25 -2.02 11.00 8.88
CA LEU J 25 -2.99 9.97 8.58
C LEU J 25 -4.21 10.03 9.53
N ASP J 26 -4.25 11.05 10.38
CA ASP J 26 -5.37 11.19 11.30
C ASP J 26 -6.33 12.18 10.68
N TRP J 27 -6.10 12.51 9.41
CA TRP J 27 -6.99 13.43 8.74
C TRP J 27 -8.46 12.98 8.88
N PRO J 28 -8.79 11.71 8.57
CA PRO J 28 -10.16 11.22 8.68
C PRO J 28 -10.90 11.54 9.97
N ALA J 29 -10.16 11.60 11.07
CA ALA J 29 -10.77 11.91 12.35
C ALA J 29 -11.30 13.34 12.26
N VAL J 30 -10.37 14.29 12.16
CA VAL J 30 -10.72 15.69 12.05
C VAL J 30 -11.88 15.88 11.07
N ALA J 31 -11.91 15.06 10.03
CA ALA J 31 -12.98 15.20 9.06
C ALA J 31 -14.31 14.65 9.59
N LEU J 32 -14.27 13.52 10.29
CA LEU J 32 -15.51 12.94 10.83
C LEU J 32 -16.10 13.84 11.88
N HIS J 33 -15.23 14.34 12.78
CA HIS J 33 -15.62 15.23 13.85
C HIS J 33 -16.10 16.55 13.24
N LEU J 34 -15.52 16.95 12.13
CA LEU J 34 -15.96 18.17 11.48
C LEU J 34 -17.34 17.86 10.90
N GLY J 35 -17.80 16.64 11.16
CA GLY J 35 -19.10 16.22 10.66
C GLY J 35 -19.16 15.76 9.21
N VAL J 36 -18.04 15.32 8.62
CA VAL J 36 -18.07 14.85 7.25
C VAL J 36 -18.51 13.41 7.34
N SER J 37 -19.28 12.95 6.35
CA SER J 37 -19.73 11.56 6.35
C SER J 37 -18.53 10.65 6.13
N TYR J 38 -18.63 9.42 6.60
CA TYR J 38 -17.53 8.48 6.42
C TYR J 38 -17.49 8.16 4.94
N ARG J 39 -18.66 8.07 4.35
CA ARG J 39 -18.80 7.76 2.93
C ARG J 39 -18.01 8.77 2.13
N GLU J 40 -17.96 9.99 2.61
CA GLU J 40 -17.24 11.03 1.92
C GLU J 40 -15.76 10.97 2.20
N VAL J 41 -15.35 10.64 3.42
CA VAL J 41 -13.93 10.58 3.68
C VAL J 41 -13.33 9.60 2.69
N GLN J 42 -14.05 8.50 2.51
CA GLN J 42 -13.64 7.45 1.60
C GLN J 42 -13.53 8.00 0.17
N ARG J 43 -14.59 8.69 -0.26
CA ARG J 43 -14.66 9.27 -1.59
C ARG J 43 -13.47 10.16 -1.88
N ILE J 44 -12.98 10.87 -0.89
CA ILE J 44 -11.82 11.74 -1.08
C ILE J 44 -10.57 10.90 -1.17
N ARG J 45 -10.46 9.89 -0.32
CA ARG J 45 -9.29 9.03 -0.36
C ARG J 45 -9.16 8.46 -1.77
N HIS J 46 -10.27 8.39 -2.48
CA HIS J 46 -10.24 7.87 -3.84
C HIS J 46 -9.79 8.93 -4.86
N GLU J 47 -10.56 10.00 -4.98
CA GLU J 47 -10.27 11.07 -5.93
C GLU J 47 -8.81 11.55 -5.91
N PHE J 48 -8.07 11.23 -4.83
CA PHE J 48 -6.67 11.65 -4.73
C PHE J 48 -5.82 10.55 -4.11
N ARG J 49 -6.12 9.30 -4.45
CA ARG J 49 -5.42 8.15 -3.90
C ARG J 49 -3.89 8.20 -3.89
N ASP J 50 -3.30 8.84 -4.88
CA ASP J 50 -1.85 8.89 -4.95
C ASP J 50 -1.25 10.09 -4.20
N ASP J 51 -2.11 11.00 -3.74
CA ASP J 51 -1.61 12.18 -3.06
C ASP J 51 -2.31 12.47 -1.74
N LEU J 52 -1.59 12.24 -0.65
CA LEU J 52 -2.12 12.48 0.69
C LEU J 52 -2.34 13.97 0.86
N ASP J 53 -1.31 14.73 0.57
CA ASP J 53 -1.41 16.17 0.70
C ASP J 53 -2.68 16.74 0.11
N GLU J 54 -3.11 16.21 -1.03
CA GLU J 54 -4.30 16.78 -1.62
C GLU J 54 -5.56 16.35 -0.86
N GLN J 55 -5.63 15.10 -0.42
CA GLN J 55 -6.82 14.71 0.32
C GLN J 55 -6.97 15.56 1.57
N ILE J 56 -5.89 15.72 2.34
CA ILE J 56 -5.94 16.53 3.55
C ILE J 56 -6.32 17.96 3.20
N ARG J 57 -5.91 18.36 2.00
CA ARG J 57 -6.18 19.70 1.53
C ARG J 57 -7.63 19.83 1.11
N HIS J 58 -8.07 18.96 0.20
CA HIS J 58 -9.43 18.99 -0.31
C HIS J 58 -10.48 18.86 0.78
N MET J 59 -10.19 18.05 1.80
CA MET J 59 -11.13 17.86 2.90
C MET J 59 -11.37 19.21 3.57
N LEU J 60 -10.28 19.81 4.01
CA LEU J 60 -10.31 21.10 4.68
C LEU J 60 -10.97 22.15 3.82
N PHE J 61 -10.27 22.64 2.81
CA PHE J 61 -10.82 23.67 1.94
C PHE J 61 -12.25 23.47 1.43
N SER J 62 -12.75 22.25 1.39
CA SER J 62 -14.11 22.02 0.93
C SER J 62 -15.07 22.22 2.07
N TRP J 63 -14.63 21.88 3.27
CA TRP J 63 -15.46 22.08 4.46
C TRP J 63 -15.42 23.57 4.65
N ALA J 64 -14.28 24.16 4.31
CA ALA J 64 -14.09 25.60 4.41
C ALA J 64 -15.13 26.27 3.53
N GLU J 65 -15.19 25.86 2.27
CA GLU J 65 -16.17 26.42 1.34
C GLU J 65 -17.55 26.27 1.95
N ARG J 66 -17.90 25.06 2.36
CA ARG J 66 -19.20 24.84 2.95
C ARG J 66 -19.48 25.93 3.98
N GLN J 67 -18.75 25.90 5.09
CA GLN J 67 -18.91 26.87 6.16
C GLN J 67 -18.54 28.31 5.79
N ALA J 68 -18.28 28.59 4.52
CA ALA J 68 -17.90 29.95 4.07
C ALA J 68 -18.72 31.07 4.71
N GLY J 69 -20.01 30.81 4.92
CA GLY J 69 -20.86 31.81 5.52
C GLY J 69 -20.84 31.77 7.03
N GLN J 70 -21.14 30.61 7.59
CA GLN J 70 -21.21 30.39 9.04
C GLN J 70 -20.23 31.13 9.95
N PRO J 71 -20.71 31.49 11.15
CA PRO J 71 -19.97 32.20 12.19
C PRO J 71 -19.04 31.28 12.98
N GLY J 72 -19.64 30.30 13.66
CA GLY J 72 -18.89 29.37 14.46
C GLY J 72 -17.87 28.52 13.72
N ALA J 73 -17.61 28.89 12.47
CA ALA J 73 -16.67 28.17 11.64
C ALA J 73 -15.40 27.86 12.43
N VAL J 74 -14.52 28.87 12.57
CA VAL J 74 -13.26 28.65 13.26
C VAL J 74 -13.41 27.98 14.63
N GLY J 75 -14.62 28.03 15.18
CA GLY J 75 -14.85 27.40 16.47
C GLY J 75 -14.99 25.90 16.29
N LEU J 76 -15.76 25.51 15.28
CA LEU J 76 -15.97 24.10 14.99
C LEU J 76 -14.67 23.38 14.67
N LEU J 77 -13.77 24.05 13.93
CA LEU J 77 -12.50 23.45 13.56
C LEU J 77 -11.70 23.15 14.82
N VAL J 78 -11.49 24.17 15.63
CA VAL J 78 -10.72 24.02 16.86
C VAL J 78 -11.26 22.87 17.71
N GLN J 79 -12.57 22.81 17.85
CA GLN J 79 -13.19 21.75 18.62
C GLN J 79 -12.85 20.41 17.98
N ALA J 80 -13.13 20.28 16.69
CA ALA J 80 -12.83 19.05 15.96
C ALA J 80 -11.37 18.63 16.12
N LEU J 81 -10.45 19.58 16.08
CA LEU J 81 -9.04 19.24 16.24
C LEU J 81 -8.75 18.78 17.66
N GLU J 82 -9.53 19.27 18.61
CA GLU J 82 -9.35 18.89 20.01
C GLU J 82 -9.77 17.43 20.15
N GLN J 83 -10.99 17.17 19.70
CA GLN J 83 -11.56 15.84 19.76
C GLN J 83 -10.82 14.81 18.93
N SER J 84 -10.07 15.24 17.92
CA SER J 84 -9.31 14.32 17.11
C SER J 84 -7.99 14.06 17.80
N ASP J 85 -7.86 14.58 19.00
CA ASP J 85 -6.66 14.42 19.81
C ASP J 85 -5.47 15.18 19.27
N ARG J 86 -5.68 16.44 18.89
CA ARG J 86 -4.61 17.26 18.37
C ARG J 86 -4.64 18.61 19.06
N GLN J 87 -4.71 18.61 20.39
CA GLN J 87 -4.72 19.85 21.16
C GLN J 87 -3.61 20.63 20.46
N ASP J 88 -2.54 19.89 20.21
CA ASP J 88 -1.34 20.29 19.49
C ASP J 88 -1.70 21.42 18.53
N VAL J 89 -2.49 21.06 17.52
CA VAL J 89 -2.94 21.96 16.47
C VAL J 89 -4.05 22.93 16.91
N ALA J 90 -4.93 22.52 17.80
CA ALA J 90 -6.01 23.39 18.23
C ALA J 90 -5.42 24.69 18.77
N GLU J 91 -4.35 24.58 19.54
CA GLU J 91 -3.71 25.77 20.11
C GLU J 91 -3.05 26.68 19.08
N GLU J 92 -2.52 26.14 17.97
CA GLU J 92 -1.92 27.03 16.96
C GLU J 92 -3.07 27.85 16.42
N VAL J 93 -4.15 27.18 16.02
CA VAL J 93 -5.27 27.93 15.46
C VAL J 93 -5.79 28.97 16.42
N ARG J 94 -6.06 28.60 17.67
CA ARG J 94 -6.56 29.58 18.62
C ARG J 94 -5.62 30.79 18.64
N ALA J 95 -4.32 30.52 18.57
CA ALA J 95 -3.28 31.56 18.59
C ALA J 95 -3.34 32.46 17.36
N VAL J 96 -2.91 31.98 16.19
CA VAL J 96 -2.95 32.81 14.99
C VAL J 96 -4.19 33.68 15.06
N LEU J 97 -5.30 33.03 15.36
CA LEU J 97 -6.62 33.64 15.49
C LEU J 97 -6.63 34.86 16.44
N GLU J 98 -5.79 34.84 17.46
CA GLU J 98 -5.67 35.91 18.47
C GLU J 98 -5.46 37.31 17.87
N LEU J 99 -6.58 37.98 17.57
CA LEU J 99 -6.56 39.32 16.98
C LEU J 99 -7.96 39.80 16.51
N GLY J 100 -8.70 40.41 17.44
CA GLY J 100 -10.03 40.91 17.13
C GLY J 100 -10.60 41.83 18.21
N MET K 1 -39.80 7.23 -11.61
CA MET K 1 -38.79 6.57 -12.49
C MET K 1 -39.32 5.18 -12.81
N ASN K 2 -39.27 4.77 -14.07
CA ASN K 2 -39.78 3.45 -14.45
C ASN K 2 -38.89 2.30 -13.97
N LEU K 3 -38.90 2.06 -12.67
CA LEU K 3 -38.13 1.00 -12.07
C LEU K 3 -39.08 0.44 -11.03
N GLY K 4 -39.73 -0.67 -11.35
CA GLY K 4 -40.65 -1.25 -10.39
C GLY K 4 -41.86 -1.84 -11.08
N ASP K 5 -43.01 -1.69 -10.45
CA ASP K 5 -44.24 -2.20 -11.01
C ASP K 5 -45.40 -1.66 -10.19
N ALA K 6 -46.56 -1.59 -10.81
CA ALA K 6 -47.77 -1.04 -10.18
C ALA K 6 -48.18 -1.60 -8.82
N GLU K 7 -47.97 -2.89 -8.59
CA GLU K 7 -48.35 -3.51 -7.32
C GLU K 7 -47.42 -3.15 -6.16
N THR K 8 -46.16 -3.55 -6.30
CA THR K 8 -45.12 -3.32 -5.32
C THR K 8 -44.76 -1.85 -5.05
N GLY K 9 -44.57 -1.09 -6.12
CA GLY K 9 -44.23 0.31 -6.01
C GLY K 9 -43.10 0.61 -6.98
N PHE K 10 -42.84 1.91 -7.18
CA PHE K 10 -41.78 2.34 -8.07
C PHE K 10 -40.78 3.17 -7.27
N LEU K 11 -39.57 3.34 -7.81
CA LEU K 11 -38.57 4.14 -7.15
C LEU K 11 -38.47 5.42 -7.92
N THR K 12 -38.20 6.52 -7.23
CA THR K 12 -38.06 7.81 -7.89
C THR K 12 -36.58 8.13 -8.16
N GLN K 13 -36.31 8.97 -9.15
CA GLN K 13 -34.93 9.31 -9.48
C GLN K 13 -34.14 9.54 -8.20
N SER K 14 -34.70 10.34 -7.30
CA SER K 14 -34.05 10.68 -6.04
C SER K 14 -33.86 9.50 -5.11
N ASN K 15 -34.73 8.51 -5.23
CA ASN K 15 -34.65 7.30 -4.43
C ASN K 15 -33.42 6.52 -4.76
N LEU K 16 -33.22 6.31 -6.07
CA LEU K 16 -32.08 5.57 -6.57
C LEU K 16 -30.89 6.41 -6.21
N LEU K 17 -31.02 7.70 -6.52
CA LEU K 17 -30.00 8.70 -6.27
C LEU K 17 -29.47 8.61 -4.84
N SER K 18 -30.34 8.24 -3.90
CA SER K 18 -29.98 8.08 -2.48
C SER K 18 -29.14 6.83 -2.41
N VAL K 19 -29.66 5.74 -2.99
CA VAL K 19 -28.94 4.50 -3.02
C VAL K 19 -27.54 4.78 -3.52
N ALA K 20 -27.43 5.49 -4.64
CA ALA K 20 -26.12 5.83 -5.19
C ALA K 20 -25.28 6.60 -4.18
N GLY K 21 -25.90 7.55 -3.50
CA GLY K 21 -25.15 8.33 -2.54
C GLY K 21 -24.66 7.53 -1.35
N ARG K 22 -25.32 6.42 -1.05
CA ARG K 22 -24.90 5.64 0.08
C ARG K 22 -23.91 4.54 -0.25
N LEU K 23 -23.67 4.32 -1.54
CA LEU K 23 -22.71 3.32 -1.96
C LEU K 23 -21.34 3.99 -2.07
N GLY K 24 -20.27 3.21 -2.00
CA GLY K 24 -18.95 3.79 -2.10
C GLY K 24 -18.02 2.99 -2.98
N LEU K 25 -16.86 2.63 -2.45
CA LEU K 25 -15.91 1.84 -3.22
C LEU K 25 -16.47 0.44 -3.44
N ASP K 26 -17.49 0.08 -2.68
CA ASP K 26 -18.09 -1.24 -2.81
C ASP K 26 -18.93 -1.37 -4.07
N TRP K 27 -19.43 -0.25 -4.59
CA TRP K 27 -20.27 -0.27 -5.77
C TRP K 27 -20.05 -1.45 -6.74
N PRO K 28 -18.81 -1.72 -7.17
CA PRO K 28 -18.56 -2.84 -8.09
C PRO K 28 -19.14 -4.14 -7.57
N ALA K 29 -19.01 -4.37 -6.26
CA ALA K 29 -19.57 -5.56 -5.65
C ALA K 29 -21.04 -5.66 -6.03
N VAL K 30 -21.77 -4.57 -5.81
CA VAL K 30 -23.19 -4.53 -6.14
C VAL K 30 -23.36 -4.76 -7.64
N ALA K 31 -22.79 -3.87 -8.43
CA ALA K 31 -22.91 -3.97 -9.88
C ALA K 31 -22.73 -5.39 -10.42
N LEU K 32 -21.74 -6.12 -9.90
CA LEU K 32 -21.48 -7.50 -10.35
C LEU K 32 -22.59 -8.42 -9.90
N HIS K 33 -23.10 -8.23 -8.67
CA HIS K 33 -24.20 -9.05 -8.20
C HIS K 33 -25.41 -8.67 -9.00
N LEU K 34 -25.55 -7.39 -9.30
CA LEU K 34 -26.67 -6.95 -10.13
C LEU K 34 -26.54 -7.63 -11.50
N GLY K 35 -25.44 -8.37 -11.68
CA GLY K 35 -25.22 -9.06 -12.93
C GLY K 35 -24.61 -8.22 -14.03
N VAL K 36 -23.84 -7.19 -13.67
CA VAL K 36 -23.22 -6.36 -14.70
C VAL K 36 -21.90 -6.97 -15.14
N SER K 37 -21.61 -6.87 -16.44
CA SER K 37 -20.36 -7.41 -16.97
C SER K 37 -19.18 -6.73 -16.28
N TYR K 38 -18.16 -7.52 -15.98
CA TYR K 38 -16.98 -6.98 -15.34
C TYR K 38 -16.35 -6.00 -16.32
N ARG K 39 -16.63 -6.19 -17.60
CA ARG K 39 -16.08 -5.32 -18.63
C ARG K 39 -16.76 -3.96 -18.56
N GLU K 40 -18.06 -3.97 -18.23
CA GLU K 40 -18.87 -2.76 -18.07
C GLU K 40 -18.45 -2.02 -16.80
N VAL K 41 -18.23 -2.77 -15.73
CA VAL K 41 -17.79 -2.17 -14.50
C VAL K 41 -16.48 -1.54 -14.89
N GLN K 42 -15.60 -2.35 -15.48
CA GLN K 42 -14.28 -1.90 -15.93
C GLN K 42 -14.36 -0.60 -16.72
N ARG K 43 -15.25 -0.58 -17.71
CA ARG K 43 -15.44 0.57 -18.58
C ARG K 43 -15.79 1.82 -17.78
N ILE K 44 -16.92 1.75 -17.07
CA ILE K 44 -17.41 2.86 -16.25
C ILE K 44 -16.33 3.37 -15.32
N ARG K 45 -15.65 2.47 -14.64
CA ARG K 45 -14.61 2.86 -13.71
C ARG K 45 -13.58 3.68 -14.46
N HIS K 46 -13.51 3.49 -15.78
CA HIS K 46 -12.55 4.26 -16.57
C HIS K 46 -13.13 5.58 -17.08
N GLU K 47 -14.33 5.52 -17.65
CA GLU K 47 -14.99 6.70 -18.20
C GLU K 47 -15.16 7.82 -17.18
N PHE K 48 -15.09 7.49 -15.89
CA PHE K 48 -15.23 8.47 -14.81
C PHE K 48 -14.19 8.27 -13.70
N ARG K 49 -12.98 7.89 -14.05
CA ARG K 49 -11.94 7.63 -13.05
C ARG K 49 -11.86 8.65 -11.91
N ASP K 50 -12.00 9.93 -12.23
CA ASP K 50 -11.93 10.97 -11.22
C ASP K 50 -13.17 11.10 -10.31
N ASP K 51 -14.36 11.00 -10.89
CA ASP K 51 -15.59 11.14 -10.11
C ASP K 51 -16.24 9.83 -9.65
N LEU K 52 -16.06 9.50 -8.36
CA LEU K 52 -16.64 8.29 -7.78
C LEU K 52 -18.16 8.31 -7.88
N ASP K 53 -18.77 9.42 -7.49
CA ASP K 53 -20.21 9.52 -7.58
C ASP K 53 -20.71 9.21 -8.99
N GLU K 54 -20.10 9.79 -10.00
CA GLU K 54 -20.56 9.55 -11.34
C GLU K 54 -20.52 8.08 -11.74
N GLN K 55 -19.54 7.36 -11.22
CA GLN K 55 -19.44 5.94 -11.53
C GLN K 55 -20.70 5.30 -10.99
N ILE K 56 -20.87 5.36 -9.68
CA ILE K 56 -22.03 4.80 -9.00
C ILE K 56 -23.37 5.17 -9.63
N ARG K 57 -23.55 6.45 -9.95
CA ARG K 57 -24.79 6.86 -10.55
C ARG K 57 -24.98 6.29 -11.95
N HIS K 58 -23.96 6.37 -12.81
CA HIS K 58 -24.09 5.85 -14.16
C HIS K 58 -24.39 4.34 -14.13
N MET K 59 -23.64 3.61 -13.33
CA MET K 59 -23.85 2.16 -13.20
C MET K 59 -25.30 1.89 -12.88
N LEU K 60 -25.75 2.48 -11.77
CA LEU K 60 -27.13 2.33 -11.28
C LEU K 60 -28.24 2.68 -12.25
N PHE K 61 -28.15 3.84 -12.89
CA PHE K 61 -29.18 4.25 -13.84
C PHE K 61 -29.13 3.50 -15.16
N SER K 62 -27.95 3.06 -15.58
CA SER K 62 -27.85 2.30 -16.82
C SER K 62 -28.56 1.01 -16.55
N TRP K 63 -28.30 0.45 -15.38
CA TRP K 63 -28.92 -0.80 -14.99
C TRP K 63 -30.42 -0.63 -14.95
N ALA K 64 -30.88 0.51 -14.47
CA ALA K 64 -32.30 0.76 -14.43
C ALA K 64 -32.81 0.81 -15.89
N GLU K 65 -32.07 1.51 -16.74
CA GLU K 65 -32.43 1.63 -18.15
C GLU K 65 -32.77 0.27 -18.75
N ARG K 66 -31.84 -0.67 -18.59
CA ARG K 66 -32.00 -2.02 -19.12
C ARG K 66 -33.16 -2.76 -18.50
N GLN K 67 -33.26 -2.74 -17.17
CA GLN K 67 -34.33 -3.45 -16.49
C GLN K 67 -35.70 -2.80 -16.62
N ALA K 68 -35.73 -1.59 -17.18
CA ALA K 68 -36.97 -0.82 -17.39
C ALA K 68 -38.24 -1.67 -17.49
N GLY K 69 -38.40 -2.36 -18.63
CA GLY K 69 -39.58 -3.19 -18.78
C GLY K 69 -39.69 -4.11 -17.57
N GLN K 70 -39.02 -5.25 -17.66
CA GLN K 70 -38.94 -6.28 -16.61
C GLN K 70 -39.94 -6.36 -15.45
N PRO K 71 -40.05 -7.55 -14.85
CA PRO K 71 -40.94 -7.82 -13.73
C PRO K 71 -40.53 -7.28 -12.37
N GLY K 72 -39.41 -7.79 -11.84
CA GLY K 72 -39.00 -7.35 -10.52
C GLY K 72 -37.56 -6.97 -10.30
N ALA K 73 -37.16 -5.84 -10.87
CA ALA K 73 -35.80 -5.35 -10.73
C ALA K 73 -35.55 -4.73 -9.35
N VAL K 74 -36.60 -4.23 -8.71
CA VAL K 74 -36.42 -3.64 -7.40
C VAL K 74 -36.06 -4.76 -6.46
N GLY K 75 -36.43 -5.97 -6.85
CA GLY K 75 -36.10 -7.12 -6.04
C GLY K 75 -34.63 -7.43 -6.25
N LEU K 76 -34.21 -7.44 -7.51
CA LEU K 76 -32.82 -7.71 -7.83
C LEU K 76 -31.90 -6.72 -7.12
N LEU K 77 -32.28 -5.45 -7.12
CA LEU K 77 -31.50 -4.40 -6.48
C LEU K 77 -31.45 -4.65 -4.98
N VAL K 78 -32.60 -4.95 -4.38
CA VAL K 78 -32.63 -5.20 -2.95
C VAL K 78 -31.80 -6.42 -2.58
N GLN K 79 -31.83 -7.42 -3.44
CA GLN K 79 -31.07 -8.64 -3.21
C GLN K 79 -29.57 -8.41 -3.42
N ALA K 80 -29.23 -7.67 -4.46
CA ALA K 80 -27.84 -7.38 -4.76
C ALA K 80 -27.22 -6.58 -3.63
N LEU K 81 -27.94 -5.62 -3.09
CA LEU K 81 -27.36 -4.83 -2.02
C LEU K 81 -27.18 -5.74 -0.82
N GLU K 82 -28.10 -6.69 -0.64
CA GLU K 82 -28.03 -7.61 0.48
C GLU K 82 -26.85 -8.56 0.36
N GLN K 83 -26.51 -8.93 -0.87
CA GLN K 83 -25.38 -9.83 -1.08
C GLN K 83 -24.04 -9.11 -1.17
N SER K 84 -24.08 -7.79 -1.12
CA SER K 84 -22.86 -7.00 -1.19
C SER K 84 -22.62 -6.56 0.24
N ASP K 85 -23.39 -7.12 1.16
CA ASP K 85 -23.23 -6.78 2.55
C ASP K 85 -23.72 -5.39 2.88
N ARG K 86 -24.69 -4.90 2.11
CA ARG K 86 -25.23 -3.60 2.42
C ARG K 86 -26.71 -3.71 2.75
N GLN K 87 -27.00 -4.51 3.79
CA GLN K 87 -28.35 -4.69 4.32
C GLN K 87 -28.69 -3.23 4.58
N ASP K 88 -27.68 -2.55 5.09
CA ASP K 88 -27.65 -1.13 5.38
C ASP K 88 -28.64 -0.40 4.44
N VAL K 89 -28.27 -0.36 3.16
CA VAL K 89 -29.07 0.30 2.14
C VAL K 89 -30.26 -0.50 1.65
N ALA K 90 -30.16 -1.82 1.68
CA ALA K 90 -31.27 -2.65 1.24
C ALA K 90 -32.52 -2.27 2.02
N GLU K 91 -32.38 -2.11 3.32
CA GLU K 91 -33.50 -1.75 4.17
C GLU K 91 -33.96 -0.35 3.82
N GLU K 92 -33.02 0.58 3.68
CA GLU K 92 -33.39 1.94 3.33
C GLU K 92 -34.25 1.90 2.06
N VAL K 93 -33.95 0.99 1.14
CA VAL K 93 -34.71 0.91 -0.10
C VAL K 93 -36.07 0.29 0.09
N ARG K 94 -36.18 -0.70 0.96
CA ARG K 94 -37.46 -1.34 1.22
C ARG K 94 -38.40 -0.32 1.82
N ALA K 95 -37.89 0.44 2.77
CA ALA K 95 -38.66 1.48 3.45
C ALA K 95 -39.42 2.37 2.48
N VAL K 96 -38.70 3.09 1.63
CA VAL K 96 -39.38 3.96 0.69
C VAL K 96 -40.24 3.14 -0.25
N LEU K 97 -39.57 2.28 -1.03
CA LEU K 97 -40.22 1.41 -2.00
C LEU K 97 -41.51 0.81 -1.48
N GLU K 98 -41.41 0.11 -0.35
CA GLU K 98 -42.59 -0.49 0.23
C GLU K 98 -43.62 0.58 0.62
N LEU K 99 -44.61 0.75 -0.26
CA LEU K 99 -45.73 1.68 -0.09
C LEU K 99 -46.91 0.81 -0.51
N GLY K 100 -46.73 0.14 -1.64
CA GLY K 100 -47.73 -0.75 -2.18
C GLY K 100 -47.48 -2.16 -1.64
N MET L 1 -15.76 -6.87 -40.67
CA MET L 1 -15.57 -6.29 -42.02
C MET L 1 -15.22 -7.42 -43.00
N ASN L 2 -14.05 -7.31 -43.61
CA ASN L 2 -13.57 -8.32 -44.56
C ASN L 2 -12.12 -8.66 -44.22
N LEU L 3 -11.97 -9.38 -43.11
CA LEU L 3 -10.68 -9.81 -42.59
C LEU L 3 -10.47 -11.30 -42.86
N GLY L 4 -9.41 -11.63 -43.60
CA GLY L 4 -9.12 -13.02 -43.91
C GLY L 4 -9.71 -13.46 -45.22
N ASP L 5 -9.12 -14.47 -45.86
CA ASP L 5 -9.63 -14.96 -47.15
C ASP L 5 -10.66 -16.08 -46.98
N ALA L 6 -11.19 -16.57 -48.11
CA ALA L 6 -12.21 -17.63 -48.11
C ALA L 6 -11.69 -18.96 -47.58
N GLU L 7 -10.46 -18.94 -47.07
CA GLU L 7 -9.83 -20.13 -46.51
C GLU L 7 -9.32 -19.87 -45.10
N THR L 8 -8.19 -19.15 -45.00
CA THR L 8 -7.57 -18.81 -43.71
C THR L 8 -8.64 -18.70 -42.60
N GLY L 9 -9.66 -17.89 -42.87
CA GLY L 9 -10.74 -17.70 -41.92
C GLY L 9 -11.49 -16.44 -42.26
N PHE L 10 -12.73 -16.35 -41.78
CA PHE L 10 -13.54 -15.18 -42.06
C PHE L 10 -13.96 -14.45 -40.80
N LEU L 11 -13.93 -13.13 -40.86
CA LEU L 11 -14.34 -12.32 -39.72
C LEU L 11 -15.08 -11.11 -40.26
N THR L 12 -16.38 -11.08 -39.98
CA THR L 12 -17.27 -10.01 -40.44
C THR L 12 -17.35 -8.86 -39.43
N GLN L 13 -17.89 -7.72 -39.86
CA GLN L 13 -18.04 -6.56 -38.98
C GLN L 13 -18.57 -7.05 -37.65
N SER L 14 -19.45 -8.05 -37.72
CA SER L 14 -20.04 -8.67 -36.54
C SER L 14 -18.91 -9.13 -35.63
N ASN L 15 -18.25 -10.21 -36.06
CA ASN L 15 -17.13 -10.81 -35.34
C ASN L 15 -16.12 -9.78 -34.85
N LEU L 16 -15.81 -8.80 -35.70
CA LEU L 16 -14.84 -7.77 -35.32
C LEU L 16 -15.36 -6.97 -34.15
N LEU L 17 -16.69 -6.78 -34.10
CA LEU L 17 -17.30 -6.06 -33.00
C LEU L 17 -17.23 -6.95 -31.76
N SER L 18 -17.62 -8.21 -31.92
CA SER L 18 -17.58 -9.18 -30.82
C SER L 18 -16.27 -9.04 -30.06
N VAL L 19 -15.16 -8.98 -30.80
CA VAL L 19 -13.85 -8.83 -30.20
C VAL L 19 -13.69 -7.44 -29.60
N ALA L 20 -13.96 -6.42 -30.40
CA ALA L 20 -13.84 -5.04 -29.95
C ALA L 20 -14.41 -4.86 -28.56
N GLY L 21 -15.65 -5.33 -28.39
CA GLY L 21 -16.32 -5.22 -27.11
C GLY L 21 -15.70 -6.07 -26.01
N ARG L 22 -15.15 -7.21 -26.39
CA ARG L 22 -14.55 -8.10 -25.41
C ARG L 22 -13.21 -7.59 -24.85
N LEU L 23 -12.64 -6.56 -25.47
CA LEU L 23 -11.38 -5.98 -25.00
C LEU L 23 -11.73 -4.86 -24.04
N GLY L 24 -10.70 -4.23 -23.47
CA GLY L 24 -10.95 -3.15 -22.55
C GLY L 24 -9.76 -2.23 -22.39
N LEU L 25 -9.29 -2.07 -21.16
CA LEU L 25 -8.15 -1.20 -20.86
C LEU L 25 -6.81 -1.75 -21.34
N ASP L 26 -6.81 -3.00 -21.79
CA ASP L 26 -5.58 -3.61 -22.27
C ASP L 26 -5.41 -3.55 -23.79
N TRP L 27 -6.37 -2.94 -24.48
CA TRP L 27 -6.29 -2.82 -25.92
C TRP L 27 -4.92 -2.31 -26.41
N PRO L 28 -4.37 -1.25 -25.78
CA PRO L 28 -3.07 -0.73 -26.22
C PRO L 28 -2.02 -1.82 -26.42
N ALA L 29 -2.18 -2.93 -25.69
CA ALA L 29 -1.28 -4.08 -25.77
C ALA L 29 -1.62 -4.87 -27.04
N VAL L 30 -2.88 -5.24 -27.19
CA VAL L 30 -3.28 -5.96 -28.38
C VAL L 30 -2.85 -5.17 -29.62
N ALA L 31 -3.07 -3.86 -29.58
CA ALA L 31 -2.69 -2.99 -30.69
C ALA L 31 -1.19 -2.97 -30.85
N LEU L 32 -0.48 -2.88 -29.73
CA LEU L 32 0.96 -2.85 -29.77
C LEU L 32 1.55 -4.13 -30.30
N HIS L 33 0.95 -5.28 -29.99
CA HIS L 33 1.46 -6.55 -30.51
C HIS L 33 1.09 -6.73 -31.99
N LEU L 34 -0.04 -6.15 -32.38
CA LEU L 34 -0.52 -6.23 -33.77
C LEU L 34 0.33 -5.45 -34.75
N GLY L 35 1.13 -4.51 -34.25
CA GLY L 35 1.98 -3.73 -35.12
C GLY L 35 1.90 -2.22 -34.93
N VAL L 36 0.71 -1.71 -34.61
CA VAL L 36 0.48 -0.28 -34.38
C VAL L 36 1.50 0.31 -33.41
N SER L 37 2.03 1.49 -33.73
CA SER L 37 3.04 2.13 -32.88
C SER L 37 2.43 2.85 -31.70
N TYR L 38 3.22 3.07 -30.65
CA TYR L 38 2.70 3.74 -29.48
C TYR L 38 2.21 5.14 -29.82
N ARG L 39 2.65 5.68 -30.95
CA ARG L 39 2.21 7.00 -31.33
C ARG L 39 0.74 6.98 -31.79
N GLU L 40 0.31 5.90 -32.43
CA GLU L 40 -1.08 5.81 -32.90
C GLU L 40 -2.03 5.43 -31.78
N VAL L 41 -1.55 4.60 -30.86
CA VAL L 41 -2.36 4.17 -29.73
C VAL L 41 -2.63 5.46 -29.01
N GLN L 42 -1.59 6.26 -28.89
CA GLN L 42 -1.65 7.55 -28.23
C GLN L 42 -2.72 8.40 -28.92
N ARG L 43 -2.57 8.59 -30.23
CA ARG L 43 -3.50 9.39 -31.01
C ARG L 43 -4.95 8.92 -30.86
N ILE L 44 -5.21 7.63 -31.05
CA ILE L 44 -6.57 7.11 -30.92
C ILE L 44 -7.13 7.35 -29.52
N ARG L 45 -6.24 7.29 -28.53
CA ARG L 45 -6.66 7.50 -27.16
C ARG L 45 -7.06 8.95 -26.96
N HIS L 46 -6.39 9.87 -27.64
CA HIS L 46 -6.68 11.28 -27.50
C HIS L 46 -7.81 11.73 -28.40
N GLU L 47 -8.15 10.93 -29.40
CA GLU L 47 -9.22 11.31 -30.30
C GLU L 47 -10.54 10.81 -29.75
N PHE L 48 -10.48 10.09 -28.64
CA PHE L 48 -11.69 9.55 -28.01
C PHE L 48 -11.50 9.36 -26.50
N ARG L 49 -10.42 9.91 -25.96
CA ARG L 49 -10.05 9.78 -24.54
C ARG L 49 -11.11 9.32 -23.54
N ASP L 50 -12.32 9.84 -23.67
CA ASP L 50 -13.40 9.50 -22.75
C ASP L 50 -14.23 8.28 -23.18
N ASP L 51 -14.46 8.12 -24.47
CA ASP L 51 -15.23 6.97 -24.98
C ASP L 51 -14.28 5.79 -25.23
N LEU L 52 -14.33 4.80 -24.37
CA LEU L 52 -13.46 3.63 -24.49
C LEU L 52 -13.87 2.78 -25.67
N ASP L 53 -15.14 2.39 -25.72
CA ASP L 53 -15.65 1.56 -26.80
C ASP L 53 -15.11 1.99 -28.16
N GLU L 54 -15.29 3.26 -28.49
CA GLU L 54 -14.84 3.81 -29.77
C GLU L 54 -13.34 3.62 -29.95
N GLN L 55 -12.55 3.95 -28.94
CA GLN L 55 -11.11 3.75 -29.04
C GLN L 55 -10.83 2.34 -29.55
N ILE L 56 -11.35 1.34 -28.82
CA ILE L 56 -11.16 -0.05 -29.20
C ILE L 56 -11.62 -0.33 -30.63
N ARG L 57 -12.90 -0.11 -30.88
CA ARG L 57 -13.48 -0.36 -32.20
C ARG L 57 -12.74 0.35 -33.34
N HIS L 58 -12.40 1.62 -33.13
CA HIS L 58 -11.67 2.37 -34.15
C HIS L 58 -10.27 1.80 -34.41
N MET L 59 -9.58 1.39 -33.34
CA MET L 59 -8.24 0.82 -33.44
C MET L 59 -8.29 -0.51 -34.20
N LEU L 60 -9.24 -1.36 -33.85
CA LEU L 60 -9.39 -2.67 -34.49
C LEU L 60 -9.77 -2.63 -35.97
N PHE L 61 -10.63 -1.68 -36.35
CA PHE L 61 -11.06 -1.55 -37.75
C PHE L 61 -10.02 -0.81 -38.58
N SER L 62 -9.32 0.12 -37.96
CA SER L 62 -8.26 0.85 -38.66
C SER L 62 -7.27 -0.20 -39.19
N TRP L 63 -6.95 -1.16 -38.33
CA TRP L 63 -6.04 -2.25 -38.65
C TRP L 63 -6.75 -3.21 -39.60
N ALA L 64 -8.03 -3.41 -39.40
CA ALA L 64 -8.79 -4.30 -40.27
C ALA L 64 -8.66 -3.83 -41.72
N GLU L 65 -8.79 -2.51 -41.91
CA GLU L 65 -8.66 -1.90 -43.24
C GLU L 65 -7.31 -2.23 -43.85
N ARG L 66 -6.24 -1.84 -43.16
CA ARG L 66 -4.88 -2.08 -43.64
C ARG L 66 -4.60 -3.54 -44.08
N GLN L 67 -5.07 -4.51 -43.29
CA GLN L 67 -4.85 -5.93 -43.63
C GLN L 67 -5.83 -6.42 -44.67
N ALA L 68 -6.13 -5.55 -45.63
CA ALA L 68 -7.06 -5.83 -46.72
C ALA L 68 -7.09 -7.30 -47.13
N GLY L 69 -6.41 -7.61 -48.23
CA GLY L 69 -6.38 -8.98 -48.72
C GLY L 69 -5.48 -9.86 -47.89
N GLN L 70 -4.30 -9.33 -47.56
CA GLN L 70 -3.29 -10.02 -46.77
C GLN L 70 -3.73 -11.35 -46.16
N PRO L 71 -2.98 -12.42 -46.45
CA PRO L 71 -3.32 -13.75 -45.93
C PRO L 71 -3.30 -13.96 -44.40
N GLY L 72 -2.10 -13.99 -43.80
CA GLY L 72 -2.01 -14.24 -42.36
C GLY L 72 -2.56 -13.21 -41.40
N ALA L 73 -3.65 -12.53 -41.76
CA ALA L 73 -4.23 -11.49 -40.92
C ALA L 73 -5.01 -12.03 -39.74
N VAL L 74 -5.95 -12.93 -40.01
CA VAL L 74 -6.73 -13.49 -38.92
C VAL L 74 -5.80 -14.11 -37.89
N GLY L 75 -4.93 -15.00 -38.35
CA GLY L 75 -4.00 -15.64 -37.44
C GLY L 75 -3.12 -14.65 -36.69
N LEU L 76 -3.02 -13.45 -37.22
CA LEU L 76 -2.20 -12.44 -36.59
C LEU L 76 -2.93 -11.77 -35.43
N LEU L 77 -4.25 -11.66 -35.53
CA LEU L 77 -5.06 -11.08 -34.45
C LEU L 77 -4.95 -12.05 -33.29
N VAL L 78 -5.21 -13.31 -33.60
CA VAL L 78 -5.14 -14.40 -32.65
C VAL L 78 -3.77 -14.46 -31.94
N GLN L 79 -2.68 -14.36 -32.69
CA GLN L 79 -1.36 -14.41 -32.06
C GLN L 79 -1.15 -13.16 -31.19
N ALA L 80 -1.93 -12.10 -31.45
CA ALA L 80 -1.80 -10.87 -30.68
C ALA L 80 -2.60 -10.94 -29.39
N LEU L 81 -3.78 -11.56 -29.44
CA LEU L 81 -4.61 -11.69 -28.24
C LEU L 81 -3.88 -12.60 -27.26
N GLU L 82 -3.24 -13.63 -27.79
CA GLU L 82 -2.50 -14.55 -26.95
C GLU L 82 -1.37 -13.83 -26.21
N GLN L 83 -0.69 -12.93 -26.91
CA GLN L 83 0.42 -12.19 -26.33
C GLN L 83 -0.02 -11.07 -25.39
N SER L 84 -1.32 -10.92 -25.23
CA SER L 84 -1.84 -9.90 -24.34
C SER L 84 -2.68 -10.59 -23.29
N ASP L 85 -2.23 -11.79 -22.90
CA ASP L 85 -2.91 -12.61 -21.90
C ASP L 85 -4.41 -12.64 -22.08
N ARG L 86 -4.88 -12.80 -23.31
CA ARG L 86 -6.32 -12.86 -23.54
C ARG L 86 -6.67 -14.11 -24.31
N GLN L 87 -6.08 -15.24 -23.91
CA GLN L 87 -6.36 -16.55 -24.54
C GLN L 87 -7.89 -16.57 -24.55
N ASP L 88 -8.41 -15.85 -23.55
CA ASP L 88 -9.81 -15.62 -23.32
C ASP L 88 -10.40 -15.48 -24.72
N VAL L 89 -10.14 -14.32 -25.31
CA VAL L 89 -10.60 -13.93 -26.63
C VAL L 89 -10.13 -14.87 -27.73
N ALA L 90 -8.80 -15.06 -27.80
CA ALA L 90 -8.17 -15.93 -28.80
C ALA L 90 -8.98 -17.19 -29.12
N GLU L 91 -9.77 -17.65 -28.15
CA GLU L 91 -10.57 -18.83 -28.37
C GLU L 91 -11.93 -18.47 -28.95
N GLU L 92 -12.42 -17.27 -28.65
CA GLU L 92 -13.71 -16.84 -29.20
C GLU L 92 -13.54 -16.84 -30.71
N VAL L 93 -12.36 -16.42 -31.17
CA VAL L 93 -12.08 -16.36 -32.59
C VAL L 93 -11.86 -17.77 -33.16
N ARG L 94 -10.96 -18.53 -32.57
CA ARG L 94 -10.71 -19.88 -33.05
C ARG L 94 -12.02 -20.66 -33.29
N ALA L 95 -13.06 -20.37 -32.51
CA ALA L 95 -14.33 -21.04 -32.68
C ALA L 95 -15.17 -20.42 -33.79
N VAL L 96 -15.27 -19.09 -33.80
CA VAL L 96 -16.05 -18.42 -34.83
C VAL L 96 -15.55 -18.86 -36.20
N LEU L 97 -14.25 -19.14 -36.28
CA LEU L 97 -13.64 -19.58 -37.53
C LEU L 97 -14.13 -20.95 -37.96
N GLU L 98 -14.00 -21.96 -37.10
CA GLU L 98 -14.43 -23.30 -37.45
C GLU L 98 -15.93 -23.39 -37.72
N LEU L 99 -16.34 -22.67 -38.74
CA LEU L 99 -17.71 -22.60 -39.22
C LEU L 99 -17.58 -22.22 -40.70
N GLY L 100 -16.33 -22.19 -41.16
CA GLY L 100 -16.03 -21.84 -42.54
C GLY L 100 -14.62 -22.27 -42.93
#